data_5ADV
#
_entry.id   5ADV
#
_cell.length_a   58.070
_cell.length_b   63.090
_cell.length_c   67.160
_cell.angle_alpha   83.09
_cell.angle_beta   76.90
_cell.angle_gamma   79.21
#
_symmetry.space_group_name_H-M   'P 1'
#
loop_
_entity.id
_entity.type
_entity.pdbx_description
1 polymer 'ENTEROCHELIN UPTAKE PERIPLASMIC BINDING PROTEIN'
2 non-polymer 'FE (III) ION'
3 non-polymer '2-(2,3-DIHYDROXY-BENZOYLAMINO)-3-HYDROXY-PROPIONIC ACID'
4 non-polymer 'DIMETHYL SULFOXIDE'
5 non-polymer '2S-2-[(2,3-DIHYDROXYPHENYL)CARBONYLAMINO]-3-[(2S)-2-[(2,3-DIHYDROXYPHENYL)CARBONYLAMINO]-3-HYDROXY-PROPANOYL]OXY-PROPANOIC ACID'
6 water water
#
_entity_poly.entity_id   1
_entity_poly.type   'polypeptide(L)'
_entity_poly.pdbx_seq_one_letter_code
;LPISMSDEGDSFLVKDSLGENKIPKNPSKVVILDLGILDTFDALKLNDKVVGVPAKNLPKYLQQFKNKPSVGGVQQVDFE
AINALKPDLIIISGRQSKFYDKLKEIAPTLFVGLDNANFLSSFENNVLSVAKLYGLEKEALEKISDIKNEIEKAKSIVDE
DKKALIILTNSNKISAFGPQSRFGIIHDVLGINAVDENIKVGTHGKSINSEFILEKNPDYIFVVDRNVILGNKERAQGIL
DNALVAKTKAAQNKKIIYLDPEYWYLASGNGLESLKTMILEIKNAVK
;
_entity_poly.pdbx_strand_id   A,B,C
#
# COMPACT_ATOMS: atom_id res chain seq x y z
N LEU A 1 4.54 -34.94 -26.83
CA LEU A 1 4.26 -34.26 -25.57
C LEU A 1 5.00 -32.91 -25.39
N PRO A 2 6.30 -32.82 -25.67
CA PRO A 2 6.88 -31.48 -25.65
C PRO A 2 6.56 -30.72 -26.93
N ILE A 3 6.69 -29.40 -26.90
CA ILE A 3 6.54 -28.60 -28.12
C ILE A 3 7.78 -28.74 -29.03
N SER A 4 7.53 -28.97 -30.31
CA SER A 4 8.61 -29.03 -31.29
C SER A 4 8.21 -28.17 -32.46
N MET A 5 9.19 -27.58 -33.13
CA MET A 5 8.96 -26.55 -34.12
C MET A 5 9.92 -26.71 -35.30
N SER A 6 9.41 -26.67 -36.53
CA SER A 6 10.30 -26.57 -37.68
C SER A 6 10.10 -25.24 -38.40
N ASP A 7 11.21 -24.61 -38.72
CA ASP A 7 11.20 -23.32 -39.39
C ASP A 7 10.83 -23.48 -40.84
N GLU A 8 9.78 -22.80 -41.28
CA GLU A 8 9.48 -22.86 -42.71
C GLU A 8 8.56 -21.78 -43.28
N GLY A 9 9.07 -20.64 -43.75
CA GLY A 9 10.16 -19.86 -43.17
C GLY A 9 9.64 -18.51 -42.66
N ASP A 10 8.44 -18.12 -43.08
CA ASP A 10 7.72 -17.00 -42.45
C ASP A 10 6.82 -17.53 -41.31
N SER A 11 6.94 -18.82 -41.03
CA SER A 11 6.13 -19.47 -40.07
C SER A 11 6.85 -20.63 -39.47
N PHE A 12 6.30 -21.19 -38.41
CA PHE A 12 6.81 -22.43 -37.86
C PHE A 12 5.68 -23.45 -37.96
N LEU A 13 6.03 -24.69 -38.29
CA LEU A 13 5.11 -25.80 -38.08
C LEU A 13 5.38 -26.34 -36.70
N VAL A 14 4.35 -26.28 -35.83
CA VAL A 14 4.52 -26.54 -34.40
C VAL A 14 3.65 -27.69 -33.95
N LYS A 15 4.25 -28.62 -33.24
CA LYS A 15 3.55 -29.75 -32.69
C LYS A 15 3.65 -29.74 -31.19
N ASP A 16 2.54 -30.04 -30.52
CA ASP A 16 2.53 -30.12 -29.06
C ASP A 16 1.60 -31.26 -28.64
N SER A 17 1.38 -31.47 -27.35
CA SER A 17 0.53 -32.58 -26.93
C SER A 17 -0.94 -32.55 -27.40
N LEU A 18 -1.46 -31.39 -27.84
CA LEU A 18 -2.85 -31.32 -28.27
C LEU A 18 -3.01 -31.40 -29.77
N GLY A 19 -1.96 -31.14 -30.53
CA GLY A 19 -2.08 -31.13 -31.98
C GLY A 19 -1.01 -30.32 -32.69
N GLU A 20 -1.32 -29.97 -33.94
CA GLU A 20 -0.39 -29.34 -34.86
C GLU A 20 -0.95 -28.02 -35.35
N ASN A 21 -0.06 -27.04 -35.57
CA ASN A 21 -0.42 -25.69 -36.02
C ASN A 21 0.70 -25.09 -36.86
N LYS A 22 0.33 -24.37 -37.91
CA LYS A 22 1.17 -23.37 -38.54
C LYS A 22 1.04 -22.06 -37.78
N ILE A 23 2.13 -21.60 -37.17
CA ILE A 23 2.11 -20.36 -36.38
C ILE A 23 3.01 -19.36 -37.10
N PRO A 24 2.47 -18.18 -37.42
CA PRO A 24 3.33 -17.22 -38.09
C PRO A 24 4.44 -16.72 -37.15
N LYS A 25 5.59 -16.39 -37.70
CA LYS A 25 6.65 -15.79 -36.90
C LYS A 25 6.19 -14.42 -36.45
N ASN A 26 6.64 -14.00 -35.29
CA ASN A 26 6.30 -12.67 -34.78
C ASN A 26 4.78 -12.38 -34.73
N PRO A 27 3.98 -13.29 -34.17
CA PRO A 27 2.56 -12.96 -34.18
C PRO A 27 2.29 -11.68 -33.40
N SER A 28 1.37 -10.86 -33.90
CA SER A 28 1.14 -9.52 -33.40
C SER A 28 -0.18 -9.43 -32.63
N LYS A 29 -0.99 -10.47 -32.63
CA LYS A 29 -2.31 -10.46 -31.95
C LYS A 29 -2.60 -11.72 -31.13
N VAL A 30 -1.98 -11.80 -29.97
CA VAL A 30 -1.93 -13.05 -29.23
C VAL A 30 -2.90 -12.99 -28.06
N VAL A 31 -3.78 -13.97 -27.98
CA VAL A 31 -4.66 -14.14 -26.85
C VAL A 31 -3.98 -15.13 -25.93
N ILE A 32 -3.80 -14.78 -24.69
CA ILE A 32 -3.06 -15.60 -23.75
C ILE A 32 -3.95 -15.98 -22.60
N LEU A 33 -4.15 -17.29 -22.42
CA LEU A 33 -4.98 -17.77 -21.31
C LEU A 33 -4.17 -18.48 -20.20
N ASP A 34 -2.89 -18.71 -20.41
CA ASP A 34 -2.00 -19.16 -19.38
C ASP A 34 -1.30 -17.98 -18.73
N LEU A 35 -1.52 -17.76 -17.44
CA LEU A 35 -1.00 -16.55 -16.78
C LEU A 35 0.52 -16.56 -16.67
N GLY A 36 1.10 -17.73 -16.57
CA GLY A 36 2.53 -17.82 -16.51
C GLY A 36 3.15 -17.41 -17.82
N ILE A 37 2.60 -17.89 -18.92
CA ILE A 37 3.18 -17.49 -20.21
C ILE A 37 2.93 -15.99 -20.42
N LEU A 38 1.86 -15.47 -19.84
CA LEU A 38 1.62 -14.01 -19.90
C LEU A 38 2.75 -13.26 -19.23
N ASP A 39 3.19 -13.73 -18.07
CA ASP A 39 4.32 -13.10 -17.36
C ASP A 39 5.56 -13.18 -18.22
N THR A 40 5.73 -14.30 -18.90
CA THR A 40 6.88 -14.49 -19.78
C THR A 40 6.89 -13.54 -20.96
N PHE A 41 5.74 -13.26 -21.55
CA PHE A 41 5.70 -12.22 -22.57
C PHE A 41 6.22 -10.89 -22.00
N ASP A 42 5.80 -10.52 -20.81
CA ASP A 42 6.31 -9.30 -20.21
C ASP A 42 7.84 -9.32 -20.03
N ALA A 43 8.36 -10.42 -19.55
CA ALA A 43 9.80 -10.52 -19.28
C ALA A 43 10.59 -10.49 -20.58
N LEU A 44 10.01 -10.95 -21.67
CA LEU A 44 10.65 -10.88 -22.99
C LEU A 44 10.36 -9.61 -23.77
N LYS A 45 9.60 -8.68 -23.17
CA LYS A 45 9.31 -7.37 -23.77
C LYS A 45 8.38 -7.51 -24.96
N LEU A 46 7.42 -8.43 -24.86
CA LEU A 46 6.46 -8.70 -25.92
C LEU A 46 5.05 -8.22 -25.57
N ASN A 47 4.92 -7.29 -24.62
CA ASN A 47 3.61 -6.82 -24.15
C ASN A 47 2.71 -6.36 -25.27
N ASP A 48 3.30 -5.71 -26.28
CA ASP A 48 2.53 -5.17 -27.41
C ASP A 48 1.98 -6.22 -28.33
N LYS A 49 2.44 -7.44 -28.21
CA LYS A 49 1.89 -8.51 -29.00
C LYS A 49 0.60 -9.05 -28.41
N VAL A 50 0.35 -8.78 -27.14
CA VAL A 50 -0.81 -9.36 -26.45
C VAL A 50 -2.06 -8.57 -26.72
N VAL A 51 -3.11 -9.23 -27.23
CA VAL A 51 -4.38 -8.55 -27.52
C VAL A 51 -5.54 -9.06 -26.66
N GLY A 52 -5.33 -10.10 -25.86
CA GLY A 52 -6.40 -10.62 -24.99
C GLY A 52 -5.89 -11.39 -23.81
N VAL A 53 -6.46 -11.11 -22.67
CA VAL A 53 -6.09 -11.79 -21.42
C VAL A 53 -7.31 -12.07 -20.57
N PRO A 54 -7.20 -13.04 -19.64
CA PRO A 54 -8.34 -13.34 -18.83
C PRO A 54 -8.40 -12.40 -17.66
N ALA A 55 -9.06 -11.28 -17.87
CA ALA A 55 -9.12 -10.21 -16.87
C ALA A 55 -9.87 -10.63 -15.61
N LYS A 56 -10.78 -11.59 -15.71
CA LYS A 56 -11.48 -12.07 -14.50
C LYS A 56 -10.55 -12.76 -13.51
N ASN A 57 -9.43 -13.31 -13.96
CA ASN A 57 -8.46 -13.96 -13.06
C ASN A 57 -7.07 -13.29 -13.09
N LEU A 58 -7.02 -12.00 -13.38
CA LEU A 58 -5.74 -11.32 -13.56
C LEU A 58 -5.18 -10.99 -12.18
N PRO A 59 -4.06 -11.62 -11.82
CA PRO A 59 -3.50 -11.38 -10.48
C PRO A 59 -2.79 -10.02 -10.27
N LYS A 60 -2.41 -9.78 -9.02
CA LYS A 60 -1.82 -8.49 -8.61
C LYS A 60 -0.49 -8.18 -9.32
N TYR A 61 0.23 -9.22 -9.72
CA TYR A 61 1.56 -9.07 -10.32
C TYR A 61 1.51 -8.97 -11.83
N LEU A 62 0.32 -8.97 -12.42
CA LEU A 62 0.17 -8.85 -13.87
C LEU A 62 -0.77 -7.71 -14.24
N GLN A 63 -0.80 -6.69 -13.39
CA GLN A 63 -1.75 -5.60 -13.56
C GLN A 63 -1.31 -4.67 -14.70
N GLN A 64 -0.10 -4.84 -15.23
CA GLN A 64 0.29 -4.11 -16.47
C GLN A 64 -0.46 -4.52 -17.70
N PHE A 65 -1.24 -5.61 -17.59
CA PHE A 65 -2.11 -6.10 -18.65
C PHE A 65 -3.57 -5.83 -18.36
N LYS A 66 -3.86 -5.04 -17.34
CA LYS A 66 -5.24 -4.75 -16.97
C LYS A 66 -6.00 -3.97 -18.06
N ASN A 67 -5.28 -3.27 -18.90
CA ASN A 67 -5.86 -2.49 -20.00
C ASN A 67 -6.15 -3.30 -21.27
N LYS A 68 -5.74 -4.59 -21.29
CA LYS A 68 -5.88 -5.38 -22.50
C LYS A 68 -7.34 -5.82 -22.59
N PRO A 69 -7.81 -6.12 -23.78
CA PRO A 69 -9.20 -6.66 -23.89
C PRO A 69 -9.36 -7.98 -23.10
N SER A 70 -10.49 -8.18 -22.42
CA SER A 70 -10.76 -9.40 -21.69
C SER A 70 -11.27 -10.52 -22.57
N VAL A 71 -10.76 -11.70 -22.34
CA VAL A 71 -11.32 -12.86 -22.95
C VAL A 71 -11.89 -13.76 -21.87
N GLY A 72 -12.22 -13.16 -20.74
CA GLY A 72 -12.95 -13.82 -19.67
C GLY A 72 -12.07 -14.29 -18.51
N GLY A 73 -12.22 -15.56 -18.16
CA GLY A 73 -11.49 -16.10 -17.03
C GLY A 73 -10.79 -17.35 -17.51
N VAL A 74 -9.88 -17.85 -16.70
CA VAL A 74 -9.14 -19.08 -17.04
C VAL A 74 -10.09 -20.30 -17.22
N GLN A 75 -11.23 -20.31 -16.51
CA GLN A 75 -12.30 -21.29 -16.70
C GLN A 75 -13.47 -20.72 -17.53
N GLN A 76 -13.86 -19.46 -17.30
CA GLN A 76 -14.99 -18.85 -18.03
C GLN A 76 -14.44 -18.18 -19.29
N VAL A 77 -14.11 -18.98 -20.29
CA VAL A 77 -13.51 -18.45 -21.50
C VAL A 77 -14.60 -17.78 -22.36
N ASP A 78 -14.34 -16.55 -22.79
CA ASP A 78 -15.27 -15.80 -23.60
C ASP A 78 -14.94 -15.94 -25.08
N PHE A 79 -15.52 -16.95 -25.71
CA PHE A 79 -15.26 -17.24 -27.11
C PHE A 79 -15.62 -16.12 -28.09
N GLU A 80 -16.73 -15.45 -27.82
CA GLU A 80 -17.16 -14.34 -28.73
C GLU A 80 -16.13 -13.22 -28.69
N ALA A 81 -15.58 -12.96 -27.51
CA ALA A 81 -14.54 -11.92 -27.37
C ALA A 81 -13.29 -12.32 -28.10
N ILE A 82 -12.92 -13.59 -28.05
CA ILE A 82 -11.70 -14.05 -28.70
C ILE A 82 -11.86 -13.91 -30.19
N ASN A 83 -12.99 -14.41 -30.69
CA ASN A 83 -13.31 -14.29 -32.08
C ASN A 83 -13.34 -12.82 -32.57
N ALA A 84 -13.96 -11.94 -31.79
CA ALA A 84 -14.02 -10.51 -32.15
C ALA A 84 -12.64 -9.86 -32.35
N LEU A 85 -11.64 -10.35 -31.60
CA LEU A 85 -10.29 -9.82 -31.64
C LEU A 85 -9.52 -10.26 -32.89
N LYS A 86 -9.97 -11.34 -33.54
CA LYS A 86 -9.26 -11.92 -34.69
C LYS A 86 -7.78 -12.10 -34.40
N PRO A 87 -7.45 -12.88 -33.36
CA PRO A 87 -6.05 -13.09 -33.01
C PRO A 87 -5.38 -13.94 -34.06
N ASP A 88 -4.05 -13.90 -34.10
CA ASP A 88 -3.27 -14.78 -34.96
C ASP A 88 -2.63 -15.91 -34.14
N LEU A 89 -2.76 -15.86 -32.83
CA LEU A 89 -2.33 -16.97 -31.95
C LEU A 89 -3.09 -16.93 -30.62
N ILE A 90 -3.50 -18.12 -30.14
CA ILE A 90 -4.08 -18.28 -28.83
C ILE A 90 -3.19 -19.22 -28.08
N ILE A 91 -2.84 -18.87 -26.86
CA ILE A 91 -1.98 -19.71 -26.02
C ILE A 91 -2.73 -20.16 -24.78
N ILE A 92 -2.77 -21.47 -24.55
CA ILE A 92 -3.52 -22.07 -23.48
C ILE A 92 -2.72 -23.05 -22.67
N SER A 93 -3.22 -23.36 -21.48
CA SER A 93 -2.64 -24.40 -20.66
C SER A 93 -3.73 -25.42 -20.35
N GLY A 94 -3.50 -26.26 -19.36
CA GLY A 94 -4.36 -27.42 -19.16
C GLY A 94 -5.82 -27.08 -18.92
N ARG A 95 -6.07 -25.96 -18.26
CA ARG A 95 -7.41 -25.56 -17.93
C ARG A 95 -8.30 -25.32 -19.15
N GLN A 96 -7.71 -25.09 -20.32
CA GLN A 96 -8.49 -24.80 -21.52
C GLN A 96 -8.38 -25.88 -22.58
N SER A 97 -7.69 -26.97 -22.23
CA SER A 97 -7.54 -28.10 -23.16
C SER A 97 -8.93 -28.61 -23.65
N LYS A 98 -9.95 -28.53 -22.79
CA LYS A 98 -11.31 -28.92 -23.14
C LYS A 98 -11.94 -28.02 -24.19
N PHE A 99 -11.34 -26.85 -24.43
CA PHE A 99 -11.84 -25.93 -25.42
C PHE A 99 -10.98 -25.89 -26.68
N TYR A 100 -10.05 -26.81 -26.81
CA TYR A 100 -9.07 -26.76 -27.88
C TYR A 100 -9.70 -26.58 -29.24
N ASP A 101 -10.63 -27.48 -29.59
CA ASP A 101 -11.20 -27.55 -30.96
C ASP A 101 -11.91 -26.27 -31.33
N LYS A 102 -12.74 -25.76 -30.43
CA LYS A 102 -13.38 -24.47 -30.63
C LYS A 102 -12.37 -23.33 -30.76
N LEU A 103 -11.32 -23.33 -29.94
CA LEU A 103 -10.28 -22.30 -30.06
C LEU A 103 -9.52 -22.39 -31.35
N LYS A 104 -9.19 -23.62 -31.74
CA LYS A 104 -8.36 -23.84 -32.93
C LYS A 104 -9.11 -23.44 -34.22
N GLU A 105 -10.43 -23.36 -34.13
CA GLU A 105 -11.31 -22.85 -35.19
C GLU A 105 -11.06 -21.34 -35.39
N ILE A 106 -10.79 -20.66 -34.30
CA ILE A 106 -10.56 -19.22 -34.37
C ILE A 106 -9.17 -18.92 -34.90
N ALA A 107 -8.18 -19.62 -34.40
CA ALA A 107 -6.82 -19.33 -34.76
C ALA A 107 -5.92 -20.41 -34.23
N PRO A 108 -4.69 -20.49 -34.77
CA PRO A 108 -3.70 -21.44 -34.22
C PRO A 108 -3.65 -21.35 -32.69
N THR A 109 -3.63 -22.51 -32.03
CA THR A 109 -3.73 -22.63 -30.61
C THR A 109 -2.60 -23.49 -30.08
N LEU A 110 -1.72 -22.84 -29.32
CA LEU A 110 -0.51 -23.45 -28.79
C LEU A 110 -0.74 -23.88 -27.36
N PHE A 111 -0.37 -25.13 -27.05
CA PHE A 111 -0.50 -25.66 -25.69
C PHE A 111 0.81 -25.53 -24.95
N VAL A 112 0.81 -24.79 -23.85
CA VAL A 112 2.03 -24.63 -23.02
C VAL A 112 1.84 -25.25 -21.64
N GLY A 113 1.25 -26.44 -21.61
CA GLY A 113 0.98 -27.13 -20.37
C GLY A 113 2.25 -27.44 -19.62
N LEU A 114 2.17 -27.43 -18.31
CA LEU A 114 3.30 -27.82 -17.48
C LEU A 114 3.15 -29.28 -17.10
N ASP A 115 4.18 -30.05 -17.35
CA ASP A 115 4.16 -31.46 -17.04
C ASP A 115 4.58 -31.67 -15.58
N ASN A 116 3.65 -32.06 -14.72
CA ASN A 116 3.91 -32.25 -13.28
C ASN A 116 5.01 -33.24 -12.97
N ALA A 117 5.26 -34.18 -13.88
CA ALA A 117 6.31 -35.16 -13.71
C ALA A 117 7.66 -34.65 -14.18
N ASN A 118 7.66 -33.58 -14.96
CA ASN A 118 8.89 -33.02 -15.52
C ASN A 118 8.78 -31.51 -15.57
N PHE A 119 8.70 -30.88 -14.42
CA PHE A 119 8.38 -29.48 -14.41
C PHE A 119 9.40 -28.64 -15.15
N LEU A 120 10.66 -28.74 -14.75
CA LEU A 120 11.68 -27.87 -15.33
C LEU A 120 11.81 -27.99 -16.83
N SER A 121 11.83 -29.21 -17.35
CA SER A 121 12.09 -29.37 -18.76
C SER A 121 10.87 -28.87 -19.57
N SER A 122 9.65 -29.10 -19.06
CA SER A 122 8.50 -28.51 -19.74
C SER A 122 8.53 -26.98 -19.63
N PHE A 123 8.89 -26.43 -18.47
CA PHE A 123 8.99 -24.97 -18.30
C PHE A 123 9.94 -24.34 -19.34
N GLU A 124 11.14 -24.91 -19.45
CA GLU A 124 12.10 -24.47 -20.43
C GLU A 124 11.58 -24.60 -21.85
N ASN A 125 11.01 -25.74 -22.17
CA ASN A 125 10.46 -25.96 -23.49
C ASN A 125 9.37 -24.94 -23.84
N ASN A 126 8.49 -24.66 -22.87
CA ASN A 126 7.44 -23.66 -23.09
C ASN A 126 7.97 -22.29 -23.39
N VAL A 127 8.92 -21.85 -22.57
CA VAL A 127 9.47 -20.51 -22.66
C VAL A 127 10.31 -20.40 -23.92
N LEU A 128 11.09 -21.43 -24.23
CA LEU A 128 11.93 -21.34 -25.41
C LEU A 128 11.11 -21.38 -26.71
N SER A 129 10.01 -22.13 -26.72
CA SER A 129 9.20 -22.21 -27.90
C SER A 129 8.54 -20.89 -28.21
N VAL A 130 8.05 -20.23 -27.17
CA VAL A 130 7.49 -18.95 -27.30
C VAL A 130 8.57 -17.96 -27.75
N ALA A 131 9.75 -17.98 -27.12
CA ALA A 131 10.83 -17.10 -27.53
C ALA A 131 11.27 -17.30 -28.98
N LYS A 132 11.29 -18.53 -29.44
CA LYS A 132 11.62 -18.85 -30.84
C LYS A 132 10.70 -18.16 -31.83
N LEU A 133 9.44 -17.98 -31.47
CA LEU A 133 8.46 -17.39 -32.38
C LEU A 133 8.91 -15.95 -32.71
N TYR A 134 9.67 -15.33 -31.80
CA TYR A 134 10.08 -13.95 -31.90
C TYR A 134 11.58 -13.75 -32.10
N GLY A 135 12.31 -14.83 -32.29
CA GLY A 135 13.77 -14.76 -32.43
C GLY A 135 14.48 -14.36 -31.13
N LEU A 136 13.93 -14.74 -29.98
CA LEU A 136 14.42 -14.25 -28.69
C LEU A 136 15.03 -15.33 -27.80
N GLU A 137 15.56 -16.36 -28.42
CA GLU A 137 16.10 -17.49 -27.68
C GLU A 137 17.24 -17.10 -26.74
N LYS A 138 18.15 -16.26 -27.23
CA LYS A 138 19.28 -15.75 -26.41
C LYS A 138 18.80 -15.11 -25.09
N GLU A 139 17.80 -14.23 -25.18
CA GLU A 139 17.28 -13.52 -24.03
C GLU A 139 16.60 -14.51 -23.10
N ALA A 140 15.78 -15.40 -23.64
CA ALA A 140 15.11 -16.41 -22.85
C ALA A 140 16.06 -17.34 -22.13
N LEU A 141 17.06 -17.84 -22.85
CA LEU A 141 18.10 -18.71 -22.24
C LEU A 141 18.83 -18.05 -21.08
N GLU A 142 19.13 -16.77 -21.18
CA GLU A 142 19.71 -16.00 -20.07
C GLU A 142 18.76 -15.94 -18.88
N LYS A 143 17.47 -15.78 -19.13
CA LYS A 143 16.52 -15.71 -18.01
C LYS A 143 16.22 -17.06 -17.39
N ILE A 144 16.24 -18.09 -18.21
CA ILE A 144 16.12 -19.46 -17.72
C ILE A 144 17.31 -19.75 -16.81
N SER A 145 18.48 -19.32 -17.25
CA SER A 145 19.69 -19.46 -16.47
C SER A 145 19.55 -18.83 -15.11
N ASP A 146 18.99 -17.62 -15.04
CA ASP A 146 18.77 -16.96 -13.74
C ASP A 146 17.84 -17.77 -12.85
N ILE A 147 16.74 -18.29 -13.42
CA ILE A 147 15.86 -19.17 -12.68
C ILE A 147 16.62 -20.37 -12.09
N LYS A 148 17.43 -21.03 -12.90
CA LYS A 148 18.21 -22.17 -12.44
C LYS A 148 19.13 -21.78 -11.29
N ASN A 149 19.69 -20.58 -11.35
CA ASN A 149 20.54 -20.09 -10.24
C ASN A 149 19.70 -19.84 -9.00
N GLU A 150 18.48 -19.32 -9.17
CA GLU A 150 17.61 -19.12 -8.01
C GLU A 150 17.22 -20.45 -7.40
N ILE A 151 17.03 -21.45 -8.24
CA ILE A 151 16.73 -22.78 -7.78
C ILE A 151 17.87 -23.32 -6.93
N GLU A 152 19.10 -23.15 -7.39
CA GLU A 152 20.26 -23.63 -6.67
C GLU A 152 20.43 -22.91 -5.35
N LYS A 153 20.17 -21.60 -5.33
CA LYS A 153 20.24 -20.87 -4.06
C LYS A 153 19.25 -21.44 -3.08
N ALA A 154 18.04 -21.72 -3.54
CA ALA A 154 16.98 -22.21 -2.67
C ALA A 154 17.27 -23.60 -2.14
N LYS A 155 17.72 -24.48 -3.01
CA LYS A 155 18.08 -25.85 -2.63
C LYS A 155 19.14 -25.91 -1.56
N SER A 156 20.09 -24.98 -1.66
CA SER A 156 21.28 -24.94 -0.87
C SER A 156 21.02 -24.75 0.61
N ILE A 157 19.89 -24.12 0.95
CA ILE A 157 19.51 -23.87 2.36
C ILE A 157 18.43 -24.81 2.89
N VAL A 158 18.07 -25.84 2.12
CA VAL A 158 17.01 -26.79 2.53
C VAL A 158 17.54 -27.73 3.60
N ASP A 159 16.79 -27.91 4.67
CA ASP A 159 17.21 -28.81 5.74
C ASP A 159 16.80 -30.21 5.37
N GLU A 160 17.77 -31.03 4.99
CA GLU A 160 17.54 -32.40 4.56
C GLU A 160 16.72 -33.31 5.49
N ASP A 161 16.78 -33.07 6.78
CA ASP A 161 16.04 -33.93 7.72
C ASP A 161 14.54 -33.61 7.75
N LYS A 162 14.19 -32.33 7.61
CA LYS A 162 12.81 -31.90 7.79
C LYS A 162 11.91 -32.30 6.62
N LYS A 163 10.61 -32.38 6.90
CA LYS A 163 9.63 -32.83 5.91
C LYS A 163 8.42 -31.93 5.84
N ALA A 164 7.82 -31.87 4.66
CA ALA A 164 6.71 -30.99 4.43
C ALA A 164 5.50 -31.73 3.92
N LEU A 165 4.33 -31.17 4.23
CA LEU A 165 3.07 -31.62 3.67
C LEU A 165 2.48 -30.47 2.91
N ILE A 166 1.98 -30.71 1.71
CA ILE A 166 1.31 -29.65 0.93
C ILE A 166 -0.19 -29.90 0.99
N ILE A 167 -0.96 -28.89 1.40
CA ILE A 167 -2.42 -28.98 1.41
C ILE A 167 -3.14 -27.84 0.67
N LEU A 168 -4.31 -28.17 0.16
CA LEU A 168 -5.26 -27.26 -0.46
C LEU A 168 -6.47 -27.24 0.45
N THR A 169 -6.99 -26.05 0.72
CA THR A 169 -8.23 -25.92 1.42
C THR A 169 -9.27 -25.31 0.50
N ASN A 170 -10.46 -25.88 0.58
CA ASN A 170 -11.62 -25.47 -0.20
C ASN A 170 -12.90 -25.66 0.66
N SER A 171 -13.66 -24.58 0.88
CA SER A 171 -14.73 -24.57 1.90
C SER A 171 -14.08 -25.04 3.19
N ASN A 172 -14.59 -26.09 3.80
CA ASN A 172 -13.93 -26.65 4.98
C ASN A 172 -13.20 -27.95 4.67
N LYS A 173 -12.99 -28.29 3.40
CA LYS A 173 -12.29 -29.55 3.09
C LYS A 173 -10.80 -29.30 2.90
N ILE A 174 -10.01 -30.24 3.41
CA ILE A 174 -8.55 -30.23 3.24
C ILE A 174 -8.23 -31.33 2.27
N SER A 175 -7.39 -31.09 1.28
CA SER A 175 -6.85 -32.18 0.50
C SER A 175 -5.33 -32.07 0.39
N ALA A 176 -4.66 -33.20 0.12
CA ALA A 176 -3.20 -33.25 0.21
C ALA A 176 -2.56 -33.48 -1.15
N PHE A 177 -1.33 -33.03 -1.29
CA PHE A 177 -0.59 -33.13 -2.56
C PHE A 177 0.82 -33.47 -2.25
N GLY A 178 1.44 -34.25 -3.13
CA GLY A 178 2.81 -34.70 -2.90
C GLY A 178 3.64 -34.56 -4.17
N PRO A 179 4.72 -35.36 -4.30
CA PRO A 179 5.57 -35.26 -5.46
C PRO A 179 4.85 -35.48 -6.77
N GLN A 180 5.28 -34.82 -7.83
CA GLN A 180 4.70 -35.00 -9.18
C GLN A 180 3.26 -34.51 -9.27
N SER A 181 2.80 -33.72 -8.30
CA SER A 181 1.47 -33.17 -8.34
C SER A 181 1.54 -31.75 -8.92
N ARG A 182 0.42 -31.04 -8.87
CA ARG A 182 0.39 -29.66 -9.37
C ARG A 182 1.24 -28.70 -8.53
N PHE A 183 1.58 -29.08 -7.30
CA PHE A 183 2.42 -28.24 -6.43
C PHE A 183 3.76 -28.89 -6.21
N GLY A 184 4.07 -29.88 -7.03
CA GLY A 184 5.15 -30.81 -6.79
C GLY A 184 6.53 -30.20 -6.74
N ILE A 185 6.65 -29.01 -7.32
CA ILE A 185 7.88 -28.23 -7.40
C ILE A 185 8.59 -28.10 -6.05
N ILE A 186 7.78 -27.96 -5.01
CA ILE A 186 8.29 -27.87 -3.66
C ILE A 186 9.18 -29.09 -3.35
N HIS A 187 8.76 -30.28 -3.79
CA HIS A 187 9.52 -31.51 -3.53
C HIS A 187 10.43 -31.89 -4.66
N ASP A 188 9.96 -31.72 -5.89
CA ASP A 188 10.66 -32.29 -7.06
C ASP A 188 11.78 -31.40 -7.57
N VAL A 189 11.65 -30.10 -7.35
CA VAL A 189 12.66 -29.20 -7.82
C VAL A 189 13.41 -28.49 -6.71
N LEU A 190 12.73 -28.08 -5.64
CA LEU A 190 13.42 -27.35 -4.58
C LEU A 190 13.96 -28.27 -3.51
N GLY A 191 13.72 -29.57 -3.66
CA GLY A 191 14.34 -30.59 -2.83
C GLY A 191 13.79 -30.74 -1.43
N ILE A 192 12.66 -30.15 -1.13
CA ILE A 192 12.10 -30.30 0.24
C ILE A 192 11.47 -31.68 0.35
N ASN A 193 11.85 -32.43 1.37
CA ASN A 193 11.32 -33.81 1.56
C ASN A 193 9.84 -33.79 1.92
N ALA A 194 9.10 -34.78 1.42
CA ALA A 194 7.69 -34.99 1.69
C ALA A 194 7.51 -35.85 2.92
N VAL A 195 6.49 -35.56 3.71
CA VAL A 195 6.14 -36.48 4.79
C VAL A 195 5.65 -37.79 4.21
N ASP A 196 5.06 -37.73 3.02
CA ASP A 196 4.53 -38.91 2.41
C ASP A 196 4.79 -38.84 0.94
N GLU A 197 5.84 -39.56 0.51
CA GLU A 197 6.25 -39.53 -0.89
C GLU A 197 5.19 -40.16 -1.79
N ASN A 198 4.22 -40.89 -1.20
CA ASN A 198 3.34 -41.78 -1.96
C ASN A 198 1.89 -41.26 -2.09
N ILE A 199 1.67 -39.95 -1.96
CA ILE A 199 0.32 -39.37 -2.13
C ILE A 199 -0.06 -39.43 -3.62
N LYS A 200 0.88 -39.10 -4.51
CA LYS A 200 0.76 -39.43 -5.97
C LYS A 200 -0.69 -39.30 -6.66
N VAL A 201 -1.30 -38.15 -6.42
CA VAL A 201 -2.73 -37.92 -6.55
C VAL A 201 -3.06 -36.94 -7.75
N GLY A 202 -4.35 -36.62 -7.93
CA GLY A 202 -4.87 -35.75 -9.00
C GLY A 202 -5.09 -34.24 -8.80
N THR A 203 -5.87 -33.67 -9.72
CA THR A 203 -6.00 -32.22 -9.87
C THR A 203 -6.39 -31.49 -8.59
N HIS A 204 -7.30 -32.05 -7.80
CA HIS A 204 -7.72 -31.36 -6.56
C HIS A 204 -7.41 -32.15 -5.25
N GLY A 205 -6.57 -33.20 -5.39
CA GLY A 205 -5.82 -33.74 -4.26
C GLY A 205 -6.51 -34.90 -3.59
N LYS A 206 -5.86 -35.48 -2.57
CA LYS A 206 -6.36 -36.57 -1.75
C LYS A 206 -7.13 -36.00 -0.56
N SER A 207 -8.38 -36.41 -0.38
CA SER A 207 -9.11 -36.13 0.88
C SER A 207 -8.38 -36.53 2.18
N ILE A 208 -8.15 -35.58 3.06
CA ILE A 208 -7.57 -35.86 4.37
C ILE A 208 -8.28 -35.03 5.42
N ASN A 209 -7.99 -35.32 6.67
CA ASN A 209 -8.46 -34.51 7.78
C ASN A 209 -7.29 -34.08 8.66
N SER A 210 -7.60 -33.40 9.75
CA SER A 210 -6.57 -32.96 10.67
C SER A 210 -5.85 -34.12 11.36
N GLU A 211 -6.57 -35.22 11.61
CA GLU A 211 -5.97 -36.42 12.24
C GLU A 211 -4.81 -36.89 11.39
N PHE A 212 -5.02 -36.88 10.09
CA PHE A 212 -3.96 -37.29 9.15
C PHE A 212 -2.73 -36.35 9.23
N ILE A 213 -2.99 -35.06 9.40
CA ILE A 213 -1.93 -34.08 9.46
C ILE A 213 -1.07 -34.35 10.70
N LEU A 214 -1.71 -34.51 11.84
CA LEU A 214 -0.99 -34.83 13.08
C LEU A 214 -0.22 -36.13 12.96
N GLU A 215 -0.84 -37.14 12.39
CA GLU A 215 -0.17 -38.43 12.19
C GLU A 215 1.15 -38.23 11.43
N LYS A 216 1.13 -37.48 10.32
CA LYS A 216 2.34 -37.20 9.54
C LYS A 216 3.29 -36.25 10.28
N ASN A 217 2.76 -35.38 11.13
CA ASN A 217 3.57 -34.43 11.92
C ASN A 217 4.66 -33.72 11.14
N PRO A 218 4.25 -33.01 10.07
CA PRO A 218 5.19 -32.27 9.25
C PRO A 218 5.94 -31.18 10.01
N ASP A 219 7.18 -30.95 9.61
CA ASP A 219 7.91 -29.77 10.07
C ASP A 219 7.43 -28.53 9.34
N TYR A 220 6.95 -28.69 8.09
CA TYR A 220 6.38 -27.56 7.35
C TYR A 220 5.04 -27.99 6.71
N ILE A 221 4.08 -27.09 6.77
CA ILE A 221 2.84 -27.27 6.05
C ILE A 221 2.71 -26.13 5.09
N PHE A 222 2.63 -26.43 3.79
CA PHE A 222 2.45 -25.44 2.75
C PHE A 222 1.00 -25.51 2.34
N VAL A 223 0.30 -24.40 2.51
CA VAL A 223 -1.13 -24.34 2.33
C VAL A 223 -1.45 -23.46 1.10
N VAL A 224 -2.27 -23.99 0.23
CA VAL A 224 -2.80 -23.24 -0.92
C VAL A 224 -4.29 -23.09 -0.65
N ASP A 225 -4.70 -21.89 -0.26
CA ASP A 225 -6.10 -21.67 0.09
C ASP A 225 -6.89 -21.27 -1.15
N ARG A 226 -7.63 -22.22 -1.68
CA ARG A 226 -8.47 -22.02 -2.83
C ARG A 226 -9.70 -21.12 -2.54
N ASN A 227 -10.16 -21.03 -1.30
CA ASN A 227 -11.28 -20.13 -0.95
C ASN A 227 -11.00 -18.71 -1.39
N VAL A 228 -9.75 -18.29 -1.26
CA VAL A 228 -9.35 -16.93 -1.63
C VAL A 228 -9.67 -16.63 -3.10
N ILE A 229 -9.41 -17.59 -3.98
CA ILE A 229 -9.71 -17.45 -5.41
C ILE A 229 -11.23 -17.34 -5.62
N LEU A 230 -12.06 -17.61 -4.61
CA LEU A 230 -13.52 -17.52 -4.80
C LEU A 230 -14.34 -17.14 -3.53
N GLY A 231 -15.19 -18.03 -3.01
CA GLY A 231 -16.01 -17.79 -1.83
C GLY A 231 -15.45 -18.11 -0.44
N ASN A 232 -15.14 -17.08 0.34
CA ASN A 232 -14.81 -17.25 1.74
C ASN A 232 -16.21 -17.38 2.35
N LYS A 233 -16.40 -17.01 3.62
CA LYS A 233 -15.40 -16.35 4.44
C LYS A 233 -14.52 -17.43 5.04
N GLU A 234 -14.64 -18.68 4.56
CA GLU A 234 -13.75 -19.68 5.08
C GLU A 234 -12.32 -19.47 4.58
N ARG A 235 -11.43 -19.76 5.51
CA ARG A 235 -10.04 -19.47 5.35
C ARG A 235 -9.25 -20.60 6.02
N ALA A 236 -8.18 -20.99 5.37
CA ALA A 236 -7.33 -22.05 5.87
C ALA A 236 -6.98 -21.86 7.33
N GLN A 237 -6.70 -20.62 7.70
CA GLN A 237 -6.32 -20.32 9.08
C GLN A 237 -7.41 -20.81 10.04
N GLY A 238 -8.66 -20.68 9.64
CA GLY A 238 -9.79 -21.11 10.47
C GLY A 238 -9.86 -22.61 10.57
N ILE A 239 -9.82 -23.27 9.41
CA ILE A 239 -9.82 -24.72 9.33
C ILE A 239 -8.69 -25.33 10.15
N LEU A 240 -7.52 -24.73 10.07
CA LEU A 240 -6.35 -25.27 10.73
C LEU A 240 -6.22 -24.88 12.17
N ASP A 241 -7.13 -24.05 12.68
CA ASP A 241 -7.07 -23.72 14.10
C ASP A 241 -7.81 -24.81 14.91
N ASN A 242 -7.16 -25.93 15.16
CA ASN A 242 -7.76 -27.00 15.99
C ASN A 242 -6.64 -27.69 16.72
N ALA A 243 -6.98 -28.48 17.73
CA ALA A 243 -5.98 -29.00 18.69
C ALA A 243 -5.05 -30.07 18.11
N LEU A 244 -5.50 -30.72 17.06
CA LEU A 244 -4.71 -31.71 16.36
C LEU A 244 -3.58 -31.06 15.58
N VAL A 245 -3.93 -30.14 14.69
CA VAL A 245 -2.92 -29.39 13.93
C VAL A 245 -2.00 -28.63 14.89
N ALA A 246 -2.58 -28.08 15.97
CA ALA A 246 -1.84 -27.28 16.92
C ALA A 246 -0.69 -28.05 17.57
N LYS A 247 -0.81 -29.38 17.69
CA LYS A 247 0.22 -30.19 18.37
C LYS A 247 1.43 -30.42 17.44
N THR A 248 1.25 -30.13 16.17
CA THR A 248 2.17 -30.47 15.10
C THR A 248 3.43 -29.56 15.21
N LYS A 249 4.57 -30.07 14.78
CA LYS A 249 5.81 -29.29 14.73
C LYS A 249 5.70 -28.00 13.89
N ALA A 250 5.05 -28.10 12.74
CA ALA A 250 4.81 -26.95 11.89
C ALA A 250 4.06 -25.86 12.67
N ALA A 251 3.00 -26.24 13.37
CA ALA A 251 2.20 -25.23 14.06
C ALA A 251 3.01 -24.63 15.17
N GLN A 252 3.75 -25.47 15.88
CA GLN A 252 4.52 -25.01 17.02
C GLN A 252 5.65 -24.12 16.64
N ASN A 253 6.34 -24.42 15.54
CA ASN A 253 7.43 -23.56 15.05
C ASN A 253 6.96 -22.45 14.09
N LYS A 254 5.65 -22.27 13.95
CA LYS A 254 5.06 -21.31 13.01
C LYS A 254 5.60 -21.51 11.61
N LYS A 255 5.53 -22.74 11.12
CA LYS A 255 5.89 -23.08 9.79
C LYS A 255 4.70 -23.59 9.03
N ILE A 256 3.55 -23.02 9.35
CA ILE A 256 2.38 -23.20 8.52
C ILE A 256 2.42 -22.01 7.56
N ILE A 257 2.73 -22.29 6.30
CA ILE A 257 3.04 -21.29 5.31
C ILE A 257 1.89 -21.15 4.34
N TYR A 258 1.32 -19.96 4.27
CA TYR A 258 0.15 -19.72 3.39
C TYR A 258 0.67 -19.18 2.08
N LEU A 259 0.73 -20.03 1.07
CA LEU A 259 1.27 -19.66 -0.19
C LEU A 259 0.28 -18.83 -0.95
N ASP A 260 0.79 -17.88 -1.72
CA ASP A 260 -0.05 -16.94 -2.42
C ASP A 260 -0.76 -17.70 -3.53
N PRO A 261 -2.07 -17.95 -3.38
CA PRO A 261 -2.76 -18.75 -4.39
C PRO A 261 -2.81 -18.13 -5.80
N GLU A 262 -2.58 -16.83 -5.93
CA GLU A 262 -2.57 -16.17 -7.24
C GLU A 262 -1.40 -16.62 -8.08
N TYR A 263 -0.41 -17.22 -7.42
CA TYR A 263 0.72 -17.88 -8.09
C TYR A 263 0.53 -19.41 -8.14
N TRP A 264 0.24 -20.02 -6.98
CA TRP A 264 0.27 -21.46 -6.85
C TRP A 264 -0.98 -22.09 -7.43
N TYR A 265 -2.15 -21.53 -7.16
CA TYR A 265 -3.36 -22.14 -7.65
C TYR A 265 -3.59 -21.78 -9.12
N LEU A 266 -3.58 -20.49 -9.43
CA LEU A 266 -3.71 -20.04 -10.83
C LEU A 266 -2.60 -20.64 -11.71
N ALA A 267 -1.48 -20.99 -11.10
CA ALA A 267 -0.43 -21.79 -11.74
C ALA A 267 0.30 -20.98 -12.80
N SER A 268 1.05 -19.98 -12.36
CA SER A 268 1.86 -19.16 -13.26
C SER A 268 3.33 -19.60 -13.39
N GLY A 269 3.56 -20.91 -13.38
CA GLY A 269 4.87 -21.48 -13.38
C GLY A 269 5.65 -21.30 -14.66
N ASN A 270 4.93 -21.01 -15.73
CA ASN A 270 5.54 -20.66 -17.00
C ASN A 270 6.17 -19.26 -17.09
N GLY A 271 6.02 -18.46 -16.01
CA GLY A 271 6.48 -17.09 -16.04
C GLY A 271 7.93 -16.95 -15.60
N LEU A 272 8.76 -16.31 -16.43
CA LEU A 272 10.18 -16.12 -16.10
C LEU A 272 10.36 -15.35 -14.81
N GLU A 273 9.38 -14.51 -14.46
CA GLU A 273 9.46 -13.74 -13.25
C GLU A 273 8.56 -14.32 -12.15
N SER A 274 7.36 -14.74 -12.51
CA SER A 274 6.49 -15.30 -11.50
C SER A 274 7.06 -16.63 -10.88
N LEU A 275 7.71 -17.46 -11.68
CA LEU A 275 8.32 -18.68 -11.15
C LEU A 275 9.46 -18.34 -10.17
N LYS A 276 10.23 -17.30 -10.44
CA LYS A 276 11.21 -16.81 -9.51
C LYS A 276 10.56 -16.43 -8.23
N THR A 277 9.46 -15.67 -8.31
CA THR A 277 8.77 -15.24 -7.09
C THR A 277 8.34 -16.46 -6.22
N MET A 278 7.86 -17.49 -6.88
CA MET A 278 7.39 -18.69 -6.20
C MET A 278 8.56 -19.39 -5.52
N ILE A 279 9.68 -19.50 -6.20
CA ILE A 279 10.88 -20.07 -5.64
C ILE A 279 11.37 -19.33 -4.44
N LEU A 280 11.42 -18.01 -4.51
CA LEU A 280 11.80 -17.22 -3.35
C LEU A 280 10.83 -17.33 -2.20
N GLU A 281 9.55 -17.51 -2.52
CA GLU A 281 8.53 -17.69 -1.48
C GLU A 281 8.83 -18.97 -0.68
N ILE A 282 9.23 -20.03 -1.38
CA ILE A 282 9.53 -21.27 -0.70
C ILE A 282 10.85 -21.08 0.08
N LYS A 283 11.89 -20.55 -0.58
CA LYS A 283 13.16 -20.34 0.08
C LYS A 283 13.00 -19.57 1.37
N ASN A 284 12.30 -18.43 1.29
CA ASN A 284 12.15 -17.59 2.47
C ASN A 284 11.35 -18.17 3.61
N ALA A 285 10.47 -19.13 3.30
CA ALA A 285 9.72 -19.81 4.35
C ALA A 285 10.50 -20.88 5.09
N VAL A 286 11.54 -21.43 4.46
CA VAL A 286 12.27 -22.53 5.05
C VAL A 286 13.68 -22.16 5.51
N LYS A 287 14.17 -20.98 5.17
CA LYS A 287 15.62 -20.71 5.41
C LYS A 287 15.98 -20.50 6.87
N LEU B 1 0.05 11.31 6.46
CA LEU B 1 -0.86 10.68 7.51
C LEU B 1 -0.15 9.56 8.23
N PRO B 2 0.63 8.69 7.54
CA PRO B 2 1.38 7.73 8.37
C PRO B 2 2.66 8.31 8.93
N ILE B 3 3.21 7.67 9.95
CA ILE B 3 4.48 8.11 10.50
C ILE B 3 5.61 7.64 9.60
N SER B 4 6.55 8.54 9.33
CA SER B 4 7.76 8.20 8.57
C SER B 4 8.97 8.82 9.28
N MET B 5 10.13 8.18 9.14
CA MET B 5 11.29 8.46 9.97
C MET B 5 12.58 8.41 9.14
N SER B 6 13.44 9.42 9.22
CA SER B 6 14.79 9.30 8.68
C SER B 6 15.84 9.31 9.78
N ASP B 7 16.77 8.36 9.68
CA ASP B 7 17.84 8.21 10.65
C ASP B 7 18.86 9.33 10.44
N GLU B 8 19.05 10.17 11.46
CA GLU B 8 19.98 11.27 11.40
C GLU B 8 21.08 11.03 12.45
N GLY B 9 21.35 9.76 12.74
CA GLY B 9 22.47 9.38 13.61
C GLY B 9 22.05 9.08 15.04
N ASP B 10 22.04 10.09 15.90
CA ASP B 10 21.63 9.92 17.28
C ASP B 10 20.15 10.31 17.49
N SER B 11 19.45 10.60 16.40
CA SER B 11 18.07 10.99 16.48
C SER B 11 17.38 10.61 15.18
N PHE B 12 16.06 10.69 15.17
CA PHE B 12 15.29 10.47 13.95
C PHE B 12 14.56 11.78 13.65
N LEU B 13 14.46 12.12 12.38
CA LEU B 13 13.53 13.16 11.96
C LEU B 13 12.27 12.41 11.63
N VAL B 14 11.20 12.74 12.35
CA VAL B 14 9.96 12.00 12.27
C VAL B 14 8.82 12.89 11.80
N LYS B 15 8.09 12.43 10.79
CA LYS B 15 6.94 13.14 10.28
C LYS B 15 5.71 12.33 10.56
N ASP B 16 4.64 12.99 10.99
CA ASP B 16 3.34 12.33 11.19
C ASP B 16 2.25 13.29 10.81
N SER B 17 0.99 12.91 10.96
CA SER B 17 -0.09 13.76 10.48
C SER B 17 -0.20 15.10 11.14
N LEU B 18 0.44 15.30 12.29
CA LEU B 18 0.35 16.62 12.98
C LEU B 18 1.56 17.53 12.72
N GLY B 19 2.67 16.95 12.32
CA GLY B 19 3.87 17.73 12.14
C GLY B 19 5.14 16.93 12.14
N GLU B 20 6.24 17.62 12.36
CA GLU B 20 7.56 16.95 12.36
C GLU B 20 8.36 17.29 13.62
N ASN B 21 9.23 16.38 14.00
CA ASN B 21 10.31 16.80 14.89
C ASN B 21 11.42 15.81 14.98
N LYS B 22 12.48 16.30 15.63
CA LYS B 22 13.66 15.54 15.95
C LYS B 22 13.36 14.77 17.23
N ILE B 23 13.40 13.45 17.15
CA ILE B 23 13.18 12.64 18.33
C ILE B 23 14.48 11.90 18.58
N PRO B 24 15.02 12.02 19.79
CA PRO B 24 16.28 11.30 20.05
C PRO B 24 16.05 9.81 20.03
N LYS B 25 17.06 9.04 19.65
CA LYS B 25 16.95 7.59 19.74
C LYS B 25 16.89 7.18 21.20
N ASN B 26 16.21 6.08 21.51
CA ASN B 26 16.10 5.58 22.89
C ASN B 26 15.65 6.65 23.90
N PRO B 27 14.58 7.40 23.58
CA PRO B 27 14.21 8.38 24.61
C PRO B 27 13.94 7.71 25.95
N SER B 28 14.39 8.35 27.02
CA SER B 28 14.37 7.76 28.34
C SER B 28 13.28 8.36 29.23
N LYS B 29 12.58 9.42 28.78
CA LYS B 29 11.55 10.09 29.59
C LYS B 29 10.30 10.41 28.76
N VAL B 30 9.49 9.39 28.57
CA VAL B 30 8.37 9.47 27.67
C VAL B 30 7.07 9.63 28.44
N VAL B 31 6.34 10.69 28.15
CA VAL B 31 5.01 10.87 28.65
C VAL B 31 4.09 10.24 27.61
N ILE B 32 3.19 9.34 28.02
CA ILE B 32 2.32 8.62 27.10
C ILE B 32 0.87 8.91 27.45
N LEU B 33 0.14 9.51 26.48
CA LEU B 33 -1.26 9.80 26.69
C LEU B 33 -2.18 8.92 25.88
N ASP B 34 -1.62 8.10 25.00
CA ASP B 34 -2.37 7.06 24.31
C ASP B 34 -2.22 5.73 25.05
N LEU B 35 -3.31 5.20 25.56
CA LEU B 35 -3.23 3.99 26.38
C LEU B 35 -2.82 2.75 25.59
N GLY B 36 -3.15 2.71 24.31
CA GLY B 36 -2.76 1.56 23.48
C GLY B 36 -1.26 1.54 23.31
N ILE B 37 -0.68 2.69 23.02
CA ILE B 37 0.75 2.71 22.87
C ILE B 37 1.44 2.42 24.22
N LEU B 38 0.81 2.80 25.34
CA LEU B 38 1.32 2.45 26.65
C LEU B 38 1.40 0.94 26.78
N ASP B 39 0.37 0.21 26.31
CA ASP B 39 0.38 -1.24 26.39
C ASP B 39 1.49 -1.79 25.51
N THR B 40 1.69 -1.18 24.36
CA THR B 40 2.76 -1.58 23.46
C THR B 40 4.15 -1.33 24.08
N PHE B 41 4.35 -0.26 24.84
CA PHE B 41 5.62 -0.10 25.57
C PHE B 41 5.85 -1.29 26.50
N ASP B 42 4.81 -1.69 27.23
CA ASP B 42 4.97 -2.86 28.07
C ASP B 42 5.32 -4.12 27.27
N ALA B 43 4.64 -4.35 26.13
CA ALA B 43 4.89 -5.56 25.38
C ALA B 43 6.32 -5.56 24.81
N LEU B 44 6.85 -4.37 24.56
CA LEU B 44 8.21 -4.24 24.06
C LEU B 44 9.26 -4.04 25.15
N LYS B 45 8.84 -4.10 26.41
CA LYS B 45 9.78 -4.14 27.52
C LYS B 45 10.43 -2.79 27.82
N LEU B 46 9.65 -1.74 27.59
CA LEU B 46 10.14 -0.37 27.65
C LEU B 46 9.55 0.37 28.82
N ASN B 47 9.07 -0.36 29.82
CA ASN B 47 8.37 0.25 30.95
C ASN B 47 9.19 1.35 31.65
N ASP B 48 10.52 1.17 31.71
CA ASP B 48 11.39 2.14 32.37
C ASP B 48 11.51 3.45 31.60
N LYS B 49 11.13 3.47 30.33
CA LYS B 49 11.22 4.67 29.54
C LYS B 49 10.06 5.58 29.85
N VAL B 50 9.02 5.07 30.50
CA VAL B 50 7.81 5.84 30.74
C VAL B 50 7.88 6.63 32.02
N VAL B 51 7.70 7.94 31.92
CA VAL B 51 7.78 8.81 33.09
C VAL B 51 6.46 9.47 33.40
N GLY B 52 5.47 9.32 32.54
CA GLY B 52 4.18 9.92 32.83
C GLY B 52 3.06 9.19 32.11
N VAL B 53 1.95 9.04 32.82
CA VAL B 53 0.76 8.41 32.24
C VAL B 53 -0.48 9.07 32.77
N PRO B 54 -1.60 8.92 32.06
CA PRO B 54 -2.83 9.51 32.54
C PRO B 54 -3.51 8.60 33.57
N ALA B 55 -3.14 8.77 34.84
CA ALA B 55 -3.59 7.89 35.90
C ALA B 55 -5.08 7.98 36.14
N LYS B 56 -5.73 9.10 35.80
CA LYS B 56 -7.18 9.18 36.03
C LYS B 56 -7.93 8.19 35.13
N ASN B 57 -7.34 7.81 34.01
CA ASN B 57 -8.01 6.90 33.08
C ASN B 57 -7.23 5.61 32.90
N LEU B 58 -6.48 5.22 33.92
CA LEU B 58 -5.61 4.07 33.78
C LEU B 58 -6.44 2.80 33.97
N PRO B 59 -6.54 1.96 32.93
CA PRO B 59 -7.47 0.84 33.04
C PRO B 59 -6.91 -0.34 33.84
N LYS B 60 -7.74 -1.35 34.03
CA LYS B 60 -7.40 -2.48 34.88
C LYS B 60 -6.26 -3.32 34.34
N TYR B 61 -6.10 -3.31 33.03
CA TYR B 61 -5.09 -4.09 32.36
C TYR B 61 -3.76 -3.33 32.18
N LEU B 62 -3.65 -2.11 32.72
CA LEU B 62 -2.39 -1.35 32.67
C LEU B 62 -1.92 -0.89 34.06
N GLN B 63 -2.25 -1.69 35.06
CA GLN B 63 -2.01 -1.30 36.43
C GLN B 63 -0.57 -1.41 36.80
N GLN B 64 0.24 -2.05 35.97
CA GLN B 64 1.69 -2.04 36.19
C GLN B 64 2.34 -0.66 36.05
N PHE B 65 1.55 0.33 35.58
CA PHE B 65 1.94 1.71 35.45
C PHE B 65 1.28 2.60 36.50
N LYS B 66 0.62 1.98 37.47
CA LYS B 66 -0.11 2.74 38.51
C LYS B 66 0.85 3.55 39.42
N ASN B 67 2.11 3.14 39.46
CA ASN B 67 3.14 3.85 40.21
C ASN B 67 3.77 5.04 39.47
N LYS B 68 3.45 5.25 38.19
CA LYS B 68 4.12 6.28 37.40
C LYS B 68 3.51 7.60 37.76
N PRO B 69 4.27 8.70 37.64
CA PRO B 69 3.69 10.03 37.86
C PRO B 69 2.46 10.27 36.94
N SER B 70 1.42 10.94 37.45
CA SER B 70 0.25 11.23 36.67
C SER B 70 0.39 12.52 35.86
N VAL B 71 -0.11 12.47 34.64
CA VAL B 71 -0.22 13.68 33.83
C VAL B 71 -1.67 13.95 33.56
N GLY B 72 -2.52 13.40 34.42
CA GLY B 72 -3.94 13.70 34.42
C GLY B 72 -4.82 12.62 33.80
N GLY B 73 -5.66 13.04 32.88
CA GLY B 73 -6.58 12.12 32.19
C GLY B 73 -6.39 12.30 30.69
N VAL B 74 -6.98 11.39 29.92
CA VAL B 74 -6.91 11.48 28.45
C VAL B 74 -7.58 12.75 27.87
N GLN B 75 -8.60 13.27 28.57
CA GLN B 75 -9.18 14.59 28.28
C GLN B 75 -8.68 15.70 29.24
N GLN B 76 -8.54 15.40 30.54
CA GLN B 76 -8.01 16.35 31.53
C GLN B 76 -6.48 16.33 31.59
N VAL B 77 -5.82 16.87 30.57
CA VAL B 77 -4.35 16.83 30.48
C VAL B 77 -3.75 17.84 31.44
N ASP B 78 -2.83 17.37 32.28
CA ASP B 78 -2.18 18.24 33.28
C ASP B 78 -0.84 18.77 32.76
N PHE B 79 -0.88 19.92 32.11
CA PHE B 79 0.28 20.49 31.43
C PHE B 79 1.41 20.83 32.38
N GLU B 80 1.09 21.31 33.57
CA GLU B 80 2.13 21.65 34.54
C GLU B 80 2.89 20.38 34.96
N ALA B 81 2.16 19.28 35.14
CA ALA B 81 2.78 18.01 35.53
C ALA B 81 3.66 17.50 34.43
N ILE B 82 3.25 17.65 33.19
CA ILE B 82 4.07 17.19 32.06
C ILE B 82 5.35 17.98 32.04
N ASN B 83 5.21 19.28 32.13
CA ASN B 83 6.33 20.21 32.09
C ASN B 83 7.31 19.91 33.23
N ALA B 84 6.76 19.66 34.42
CA ALA B 84 7.57 19.35 35.63
C ALA B 84 8.41 18.10 35.44
N LEU B 85 7.93 17.16 34.64
CA LEU B 85 8.66 15.92 34.37
C LEU B 85 9.80 16.04 33.41
N LYS B 86 9.81 17.14 32.64
CA LYS B 86 10.86 17.36 31.61
C LYS B 86 11.04 16.13 30.73
N PRO B 87 9.99 15.74 30.01
CA PRO B 87 10.13 14.55 29.17
C PRO B 87 10.97 14.86 27.96
N ASP B 88 11.54 13.83 27.35
CA ASP B 88 12.19 13.98 26.03
C ASP B 88 11.27 13.51 24.86
N LEU B 89 10.09 12.97 25.18
CA LEU B 89 9.06 12.65 24.19
C LEU B 89 7.69 12.63 24.84
N ILE B 90 6.68 13.16 24.15
CA ILE B 90 5.29 12.99 24.53
C ILE B 90 4.56 12.26 23.40
N ILE B 91 3.80 11.22 23.73
CA ILE B 91 3.06 10.46 22.71
C ILE B 91 1.55 10.63 22.94
N ILE B 92 0.85 11.07 21.90
CA ILE B 92 -0.57 11.39 21.95
C ILE B 92 -1.36 10.73 20.84
N SER B 93 -2.65 10.66 21.04
CA SER B 93 -3.55 10.18 20.00
C SER B 93 -4.57 11.27 19.76
N GLY B 94 -5.67 10.93 19.12
CA GLY B 94 -6.57 11.96 18.59
C GLY B 94 -7.16 12.86 19.65
N ARG B 95 -7.33 12.33 20.85
CA ARG B 95 -7.96 13.09 21.94
C ARG B 95 -7.14 14.31 22.40
N GLN B 96 -5.85 14.32 22.10
CA GLN B 96 -4.99 15.39 22.53
C GLN B 96 -4.50 16.24 21.36
N SER B 97 -5.00 15.94 20.15
CA SER B 97 -4.59 16.65 18.93
C SER B 97 -4.84 18.11 19.08
N LYS B 98 -5.92 18.46 19.77
CA LYS B 98 -6.23 19.87 20.05
C LYS B 98 -5.16 20.59 20.93
N PHE B 99 -4.30 19.83 21.61
CA PHE B 99 -3.28 20.38 22.50
C PHE B 99 -1.89 20.32 21.89
N TYR B 100 -1.80 19.95 20.63
CA TYR B 100 -0.51 19.62 20.02
C TYR B 100 0.54 20.71 20.18
N ASP B 101 0.17 21.95 19.84
CA ASP B 101 1.11 23.08 19.82
C ASP B 101 1.65 23.35 21.23
N LYS B 102 0.79 23.39 22.24
CA LYS B 102 1.22 23.52 23.62
C LYS B 102 2.14 22.36 24.03
N LEU B 103 1.81 21.13 23.64
CA LEU B 103 2.62 19.98 24.04
C LEU B 103 3.98 20.06 23.39
N LYS B 104 3.98 20.45 22.12
CA LYS B 104 5.20 20.46 21.32
C LYS B 104 6.20 21.53 21.82
N GLU B 105 5.67 22.50 22.56
CA GLU B 105 6.44 23.51 23.29
C GLU B 105 7.25 22.84 24.43
N ILE B 106 6.65 21.83 25.07
CA ILE B 106 7.33 21.11 26.14
C ILE B 106 8.38 20.17 25.60
N ALA B 107 8.05 19.41 24.57
CA ALA B 107 8.99 18.42 24.07
C ALA B 107 8.47 17.89 22.75
N PRO B 108 9.32 17.24 21.96
CA PRO B 108 8.85 16.56 20.77
C PRO B 108 7.58 15.72 21.06
N THR B 109 6.60 15.82 20.18
CA THR B 109 5.31 15.21 20.39
C THR B 109 4.95 14.36 19.16
N LEU B 110 4.82 13.06 19.40
CA LEU B 110 4.53 12.06 18.35
C LEU B 110 3.07 11.72 18.35
N PHE B 111 2.46 11.75 17.18
CA PHE B 111 1.05 11.40 17.02
C PHE B 111 0.92 9.95 16.57
N VAL B 112 0.20 9.15 17.34
CA VAL B 112 -0.02 7.73 17.00
C VAL B 112 -1.52 7.48 16.85
N GLY B 113 -2.19 8.40 16.18
CA GLY B 113 -3.61 8.25 15.88
C GLY B 113 -3.87 7.01 15.05
N LEU B 114 -5.00 6.39 15.31
CA LEU B 114 -5.43 5.24 14.53
C LEU B 114 -6.30 5.77 13.44
N ASP B 115 -6.02 5.37 12.22
CA ASP B 115 -6.78 5.82 11.06
C ASP B 115 -7.95 4.88 10.86
N ASN B 116 -9.13 5.39 11.14
CA ASN B 116 -10.36 4.60 11.06
C ASN B 116 -10.63 4.00 9.69
N ALA B 117 -10.09 4.62 8.64
CA ALA B 117 -10.27 4.12 7.30
C ALA B 117 -9.21 3.09 6.93
N ASN B 118 -8.14 3.02 7.72
CA ASN B 118 -7.06 2.06 7.47
C ASN B 118 -6.51 1.55 8.80
N PHE B 119 -7.33 0.83 9.55
CA PHE B 119 -6.96 0.55 10.91
C PHE B 119 -5.68 -0.27 11.01
N LEU B 120 -5.63 -1.38 10.31
CA LEU B 120 -4.46 -2.26 10.41
C LEU B 120 -3.14 -1.63 10.02
N SER B 121 -3.14 -0.92 8.89
CA SER B 121 -1.89 -0.35 8.43
C SER B 121 -1.44 0.74 9.40
N SER B 122 -2.38 1.54 9.92
CA SER B 122 -1.98 2.53 10.90
C SER B 122 -1.48 1.86 12.19
N PHE B 123 -2.16 0.81 12.65
CA PHE B 123 -1.75 0.09 13.85
C PHE B 123 -0.30 -0.39 13.72
N GLU B 124 0.00 -1.02 12.60
CA GLU B 124 1.36 -1.51 12.33
C GLU B 124 2.36 -0.41 12.27
N ASN B 125 2.01 0.64 11.56
CA ASN B 125 2.89 1.75 11.45
C ASN B 125 3.17 2.39 12.83
N ASN B 126 2.14 2.55 13.65
CA ASN B 126 2.32 3.13 15.00
C ASN B 126 3.26 2.31 15.83
N VAL B 127 3.03 1.00 15.81
CA VAL B 127 3.82 0.10 16.62
C VAL B 127 5.24 0.01 16.11
N LEU B 128 5.40 -0.09 14.79
CA LEU B 128 6.75 -0.18 14.24
C LEU B 128 7.56 1.11 14.42
N SER B 129 6.92 2.26 14.32
CA SER B 129 7.64 3.51 14.45
C SER B 129 8.17 3.68 15.87
N VAL B 130 7.34 3.34 16.84
CA VAL B 130 7.73 3.37 18.22
C VAL B 130 8.87 2.38 18.44
N ALA B 131 8.71 1.15 17.96
CA ALA B 131 9.77 0.16 18.05
C ALA B 131 11.12 0.64 17.42
N LYS B 132 11.05 1.33 16.28
CA LYS B 132 12.26 1.84 15.61
C LYS B 132 13.04 2.80 16.49
N LEU B 133 12.35 3.59 17.30
CA LEU B 133 13.06 4.54 18.17
C LEU B 133 14.03 3.80 19.11
N TYR B 134 13.72 2.54 19.41
CA TYR B 134 14.49 1.73 20.34
C TYR B 134 15.25 0.56 19.67
N GLY B 135 15.25 0.49 18.34
CA GLY B 135 15.89 -0.63 17.63
C GLY B 135 15.20 -1.98 17.85
N LEU B 136 13.88 -1.97 17.99
CA LEU B 136 13.12 -3.19 18.35
C LEU B 136 12.17 -3.70 17.25
N GLU B 137 12.47 -3.38 15.99
CA GLU B 137 11.57 -3.71 14.89
C GLU B 137 11.31 -5.21 14.79
N LYS B 138 12.36 -6.02 14.96
CA LYS B 138 12.26 -7.49 14.92
C LYS B 138 11.17 -7.97 15.88
N GLU B 139 11.27 -7.51 17.12
CA GLU B 139 10.38 -7.98 18.19
C GLU B 139 8.95 -7.56 17.88
N ALA B 140 8.78 -6.31 17.48
CA ALA B 140 7.50 -5.79 17.13
C ALA B 140 6.87 -6.54 15.96
N LEU B 141 7.65 -6.76 14.90
CA LEU B 141 7.16 -7.50 13.73
C LEU B 141 6.63 -8.88 14.06
N GLU B 142 7.29 -9.57 14.96
CA GLU B 142 6.84 -10.88 15.42
C GLU B 142 5.50 -10.79 16.14
N LYS B 143 5.32 -9.76 16.97
CA LYS B 143 4.06 -9.61 17.72
C LYS B 143 2.91 -9.16 16.80
N ILE B 144 3.22 -8.33 15.82
CA ILE B 144 2.23 -7.93 14.81
C ILE B 144 1.76 -9.15 14.02
N SER B 145 2.73 -10.01 13.68
CA SER B 145 2.45 -11.23 12.94
C SER B 145 1.44 -12.10 13.64
N ASP B 146 1.55 -12.32 14.95
CA ASP B 146 0.46 -13.14 15.50
C ASP B 146 -0.87 -12.39 15.59
N ILE B 147 -0.87 -11.06 15.72
CA ILE B 147 -2.16 -10.33 15.70
C ILE B 147 -2.87 -10.59 14.38
N LYS B 148 -2.11 -10.57 13.29
CA LYS B 148 -2.69 -10.87 11.96
C LYS B 148 -3.26 -12.27 11.87
N ASN B 149 -2.60 -13.22 12.52
CA ASN B 149 -3.09 -14.60 12.54
C ASN B 149 -4.35 -14.69 13.40
N GLU B 150 -4.41 -13.97 14.51
CA GLU B 150 -5.65 -13.92 15.34
C GLU B 150 -6.77 -13.31 14.58
N ILE B 151 -6.47 -12.30 13.78
CA ILE B 151 -7.49 -11.70 12.95
C ILE B 151 -8.08 -12.69 11.95
N GLU B 152 -7.21 -13.45 11.29
CA GLU B 152 -7.67 -14.50 10.37
C GLU B 152 -8.47 -15.60 11.07
N LYS B 153 -8.07 -16.01 12.26
CA LYS B 153 -8.90 -16.93 12.99
C LYS B 153 -10.31 -16.38 13.28
N ALA B 154 -10.38 -15.12 13.74
CA ALA B 154 -11.64 -14.50 14.17
C ALA B 154 -12.57 -14.37 12.95
N LYS B 155 -12.01 -13.93 11.82
CA LYS B 155 -12.78 -13.77 10.57
C LYS B 155 -13.44 -15.05 10.11
N SER B 156 -12.72 -16.16 10.27
CA SER B 156 -13.19 -17.42 9.71
C SER B 156 -14.47 -17.96 10.36
N ILE B 157 -14.78 -17.53 11.60
CA ILE B 157 -15.96 -18.03 12.31
C ILE B 157 -17.13 -17.04 12.24
N VAL B 158 -16.96 -16.00 11.44
CA VAL B 158 -17.99 -14.98 11.31
C VAL B 158 -19.10 -15.52 10.45
N ASP B 159 -20.34 -15.33 10.88
CA ASP B 159 -21.46 -15.81 10.10
C ASP B 159 -21.81 -14.76 9.07
N GLU B 160 -21.48 -15.06 7.82
CA GLU B 160 -21.65 -14.12 6.72
C GLU B 160 -23.07 -13.60 6.48
N ASP B 161 -24.09 -14.29 6.94
CA ASP B 161 -25.47 -13.76 6.79
C ASP B 161 -25.83 -12.71 7.83
N LYS B 162 -25.36 -12.88 9.07
CA LYS B 162 -25.81 -12.04 10.18
C LYS B 162 -25.21 -10.62 10.16
N LYS B 163 -25.93 -9.68 10.78
CA LYS B 163 -25.55 -8.25 10.75
C LYS B 163 -25.55 -7.63 12.13
N ALA B 164 -24.65 -6.67 12.31
CA ALA B 164 -24.46 -6.04 13.60
C ALA B 164 -24.66 -4.54 13.50
N LEU B 165 -25.11 -3.97 14.62
CA LEU B 165 -25.16 -2.54 14.82
C LEU B 165 -24.19 -2.25 15.97
N ILE B 166 -23.39 -1.20 15.86
CA ILE B 166 -22.56 -0.74 16.99
C ILE B 166 -23.16 0.53 17.59
N ILE B 167 -23.40 0.55 18.88
CA ILE B 167 -23.89 1.74 19.58
C ILE B 167 -23.05 2.16 20.81
N LEU B 168 -23.10 3.47 21.05
CA LEU B 168 -22.50 4.13 22.22
C LEU B 168 -23.62 4.70 23.06
N THR B 169 -23.55 4.52 24.37
CA THR B 169 -24.51 5.11 25.26
C THR B 169 -23.82 6.06 26.19
N ASN B 170 -24.46 7.20 26.37
CA ASN B 170 -23.98 8.28 27.21
C ASN B 170 -25.17 8.97 27.86
N SER B 171 -25.14 9.05 29.18
CA SER B 171 -26.32 9.47 29.95
C SER B 171 -27.48 8.61 29.47
N ASN B 172 -28.55 9.19 28.93
CA ASN B 172 -29.58 8.39 28.30
C ASN B 172 -29.61 8.46 26.77
N LYS B 173 -28.56 8.94 26.14
CA LYS B 173 -28.56 9.02 24.68
C LYS B 173 -27.86 7.81 24.08
N ILE B 174 -28.40 7.35 22.96
CA ILE B 174 -27.79 6.31 22.17
C ILE B 174 -27.26 6.94 20.87
N SER B 175 -26.05 6.58 20.44
CA SER B 175 -25.59 6.96 19.10
C SER B 175 -24.94 5.77 18.39
N ALA B 176 -24.89 5.83 17.08
CA ALA B 176 -24.55 4.67 16.27
C ALA B 176 -23.32 4.86 15.47
N PHE B 177 -22.69 3.74 15.12
CA PHE B 177 -21.43 3.75 14.43
C PHE B 177 -21.40 2.65 13.47
N GLY B 178 -20.71 2.85 12.35
CA GLY B 178 -20.65 1.87 11.30
C GLY B 178 -19.25 1.66 10.81
N PRO B 179 -19.10 1.11 9.61
CA PRO B 179 -17.75 0.99 9.01
C PRO B 179 -16.92 2.26 8.99
N GLN B 180 -15.61 2.14 9.12
CA GLN B 180 -14.69 3.27 9.02
C GLN B 180 -14.87 4.26 10.16
N SER B 181 -15.57 3.88 11.23
CA SER B 181 -15.77 4.73 12.40
C SER B 181 -14.73 4.36 13.47
N ARG B 182 -14.85 4.93 14.66
CA ARG B 182 -13.88 4.65 15.74
C ARG B 182 -13.97 3.21 16.23
N PHE B 183 -15.08 2.55 15.92
CA PHE B 183 -15.27 1.16 16.35
C PHE B 183 -15.26 0.23 15.13
N GLY B 184 -14.81 0.76 14.00
CA GLY B 184 -15.05 0.18 12.70
C GLY B 184 -14.39 -1.15 12.50
N ILE B 185 -13.42 -1.47 13.36
CA ILE B 185 -12.71 -2.72 13.23
C ILE B 185 -13.61 -3.94 13.26
N ILE B 186 -14.70 -3.84 13.99
CA ILE B 186 -15.67 -4.91 14.02
C ILE B 186 -16.14 -5.27 12.60
N HIS B 187 -16.37 -4.26 11.77
CA HIS B 187 -16.83 -4.49 10.40
C HIS B 187 -15.66 -4.55 9.42
N ASP B 188 -14.68 -3.68 9.58
CA ASP B 188 -13.66 -3.50 8.53
C ASP B 188 -12.55 -4.51 8.57
N VAL B 189 -12.28 -4.99 9.77
CA VAL B 189 -11.19 -5.90 9.96
C VAL B 189 -11.67 -7.29 10.33
N LEU B 190 -12.67 -7.41 11.19
CA LEU B 190 -13.13 -8.73 11.63
C LEU B 190 -14.24 -9.27 10.74
N GLY B 191 -14.66 -8.49 9.76
CA GLY B 191 -15.56 -8.95 8.72
C GLY B 191 -17.02 -9.12 9.09
N ILE B 192 -17.46 -8.61 10.25
CA ILE B 192 -18.85 -8.72 10.64
C ILE B 192 -19.64 -7.73 9.81
N ASN B 193 -20.68 -8.20 9.14
CA ASN B 193 -21.51 -7.30 8.34
C ASN B 193 -22.23 -6.23 9.18
N ALA B 194 -22.40 -5.03 8.60
CA ALA B 194 -23.21 -3.96 9.22
C ALA B 194 -24.69 -4.01 8.83
N VAL B 195 -25.60 -3.68 9.75
CA VAL B 195 -27.00 -3.54 9.38
C VAL B 195 -27.17 -2.35 8.45
N ASP B 196 -26.31 -1.35 8.61
CA ASP B 196 -26.45 -0.10 7.86
C ASP B 196 -25.11 0.43 7.47
N GLU B 197 -24.90 0.41 6.16
CA GLU B 197 -23.73 0.99 5.50
C GLU B 197 -23.74 2.54 5.37
N ASN B 198 -24.86 3.18 5.71
CA ASN B 198 -25.00 4.63 5.56
C ASN B 198 -24.98 5.37 6.88
N ILE B 199 -24.16 4.91 7.82
CA ILE B 199 -23.99 5.69 9.04
C ILE B 199 -22.81 6.67 8.96
N LYS B 200 -23.11 7.98 9.05
CA LYS B 200 -22.08 9.02 8.96
C LYS B 200 -21.13 8.86 10.14
N VAL B 201 -19.85 8.81 9.82
CA VAL B 201 -18.82 8.77 10.82
C VAL B 201 -18.61 10.11 11.48
N GLY B 202 -18.52 10.06 12.81
CA GLY B 202 -18.37 11.24 13.67
C GLY B 202 -17.87 10.70 15.00
N THR B 203 -17.05 11.48 15.70
CA THR B 203 -16.43 11.06 16.94
C THR B 203 -17.37 10.46 17.94
N HIS B 204 -18.55 11.05 18.10
CA HIS B 204 -19.50 10.52 19.07
C HIS B 204 -20.83 10.02 18.44
N GLY B 205 -20.82 9.86 17.11
CA GLY B 205 -21.75 8.95 16.44
C GLY B 205 -22.97 9.67 15.97
N LYS B 206 -23.84 8.92 15.30
CA LYS B 206 -25.14 9.41 14.80
C LYS B 206 -26.21 9.26 15.89
N SER B 207 -26.88 10.34 16.24
CA SER B 207 -28.11 10.32 17.07
C SER B 207 -29.16 9.30 16.62
N ILE B 208 -29.48 8.33 17.46
CA ILE B 208 -30.53 7.36 17.14
C ILE B 208 -31.35 7.12 18.38
N ASN B 209 -32.50 6.48 18.20
CA ASN B 209 -33.33 6.06 19.32
C ASN B 209 -33.61 4.54 19.20
N SER B 210 -34.43 4.02 20.10
CA SER B 210 -34.74 2.60 20.10
C SER B 210 -35.54 2.19 18.86
N GLU B 211 -36.37 3.10 18.36
CA GLU B 211 -37.19 2.84 17.18
C GLU B 211 -36.26 2.47 16.02
N PHE B 212 -35.16 3.19 15.94
CA PHE B 212 -34.19 2.96 14.88
C PHE B 212 -33.55 1.57 15.03
N ILE B 213 -33.30 1.16 16.27
CA ILE B 213 -32.65 -0.12 16.53
C ILE B 213 -33.58 -1.28 16.12
N LEU B 214 -34.84 -1.18 16.52
CA LEU B 214 -35.86 -2.14 16.06
C LEU B 214 -35.99 -2.16 14.55
N GLU B 215 -36.05 -1.00 13.92
CA GLU B 215 -36.17 -0.94 12.46
C GLU B 215 -35.04 -1.73 11.80
N LYS B 216 -33.79 -1.52 12.25
CA LYS B 216 -32.66 -2.26 11.68
C LYS B 216 -32.67 -3.73 12.08
N ASN B 217 -33.21 -4.02 13.26
CA ASN B 217 -33.32 -5.42 13.74
C ASN B 217 -32.01 -6.24 13.53
N PRO B 218 -30.89 -5.71 14.06
CA PRO B 218 -29.66 -6.44 14.09
C PRO B 218 -29.72 -7.85 14.72
N ASP B 219 -28.94 -8.75 14.17
CA ASP B 219 -28.64 -10.00 14.84
C ASP B 219 -27.68 -9.79 16.03
N TYR B 220 -26.79 -8.82 15.94
CA TYR B 220 -25.89 -8.49 17.07
C TYR B 220 -25.91 -6.99 17.33
N ILE B 221 -25.93 -6.62 18.59
CA ILE B 221 -25.75 -5.22 18.97
C ILE B 221 -24.50 -5.14 19.83
N PHE B 222 -23.51 -4.40 19.37
CA PHE B 222 -22.28 -4.23 20.17
C PHE B 222 -22.41 -2.88 20.84
N VAL B 223 -22.36 -2.88 22.16
CA VAL B 223 -22.61 -1.66 22.94
C VAL B 223 -21.32 -1.20 23.57
N VAL B 224 -21.01 0.09 23.43
CA VAL B 224 -19.89 0.71 24.19
C VAL B 224 -20.49 1.72 25.17
N ASP B 225 -20.44 1.41 26.45
CA ASP B 225 -21.10 2.24 27.44
C ASP B 225 -20.14 3.27 28.02
N ARG B 226 -20.24 4.48 27.52
CA ARG B 226 -19.44 5.59 27.93
C ARG B 226 -19.68 6.06 29.38
N ASN B 227 -20.89 5.86 29.91
CA ASN B 227 -21.17 6.23 31.31
C ASN B 227 -20.18 5.59 32.27
N VAL B 228 -19.79 4.36 31.97
CA VAL B 228 -18.92 3.63 32.86
C VAL B 228 -17.64 4.41 33.07
N ILE B 229 -17.14 5.00 31.97
CA ILE B 229 -15.93 5.83 31.99
C ILE B 229 -16.08 7.24 32.56
N LEU B 230 -17.10 7.96 32.16
CA LEU B 230 -17.33 9.30 32.70
C LEU B 230 -17.92 9.23 34.14
N GLY B 231 -18.16 8.04 34.69
CA GLY B 231 -18.74 7.87 36.04
C GLY B 231 -20.12 8.52 36.23
N ASN B 232 -20.97 8.36 35.23
CA ASN B 232 -22.41 8.64 35.35
C ASN B 232 -23.06 7.44 36.01
N LYS B 233 -24.21 7.59 36.63
CA LYS B 233 -24.91 6.43 37.21
C LYS B 233 -25.56 5.53 36.18
N GLU B 234 -26.00 6.10 35.06
CA GLU B 234 -26.79 5.39 34.04
C GLU B 234 -25.96 4.31 33.32
N ARG B 235 -26.66 3.35 32.75
CA ARG B 235 -26.04 2.15 32.24
C ARG B 235 -26.82 1.72 31.01
N ALA B 236 -26.09 1.30 29.99
CA ALA B 236 -26.68 0.86 28.73
C ALA B 236 -27.79 -0.12 28.92
N GLN B 237 -27.59 -1.00 29.91
CA GLN B 237 -28.56 -2.04 30.20
C GLN B 237 -29.89 -1.38 30.53
N GLY B 238 -29.83 -0.30 31.28
CA GLY B 238 -31.06 0.44 31.69
C GLY B 238 -31.73 1.07 30.48
N ILE B 239 -30.94 1.78 29.69
CA ILE B 239 -31.45 2.40 28.45
C ILE B 239 -32.05 1.42 27.47
N LEU B 240 -31.40 0.28 27.34
CA LEU B 240 -31.81 -0.72 26.39
C LEU B 240 -32.96 -1.61 26.90
N ASP B 241 -33.41 -1.43 28.14
CA ASP B 241 -34.52 -2.22 28.69
C ASP B 241 -35.83 -1.56 28.32
N ASN B 242 -36.25 -1.74 27.10
CA ASN B 242 -37.52 -1.17 26.65
C ASN B 242 -38.09 -2.12 25.62
N ALA B 243 -39.38 -1.94 25.31
CA ALA B 243 -40.12 -2.95 24.54
C ALA B 243 -39.74 -3.01 23.07
N LEU B 244 -39.17 -1.92 22.57
CA LEU B 244 -38.70 -1.89 21.19
C LEU B 244 -37.45 -2.72 21.00
N VAL B 245 -36.43 -2.43 21.82
CA VAL B 245 -35.15 -3.19 21.75
C VAL B 245 -35.42 -4.66 22.07
N ALA B 246 -36.30 -4.87 23.05
CA ALA B 246 -36.65 -6.22 23.48
C ALA B 246 -37.18 -7.09 22.32
N LYS B 247 -37.84 -6.50 21.30
CA LYS B 247 -38.42 -7.29 20.21
C LYS B 247 -37.39 -7.73 19.18
N THR B 248 -36.20 -7.15 19.27
CA THR B 248 -35.12 -7.33 18.29
C THR B 248 -34.50 -8.74 18.38
N LYS B 249 -33.94 -9.24 17.27
CA LYS B 249 -33.23 -10.53 17.24
C LYS B 249 -32.06 -10.62 18.20
N ALA B 250 -31.27 -9.57 18.25
CA ALA B 250 -30.18 -9.47 19.21
C ALA B 250 -30.65 -9.66 20.63
N ALA B 251 -31.75 -9.00 21.03
CA ALA B 251 -32.21 -9.07 22.40
C ALA B 251 -32.72 -10.45 22.71
N GLN B 252 -33.49 -10.99 21.77
CA GLN B 252 -34.12 -12.26 22.04
C GLN B 252 -33.07 -13.41 21.97
N ASN B 253 -32.04 -13.32 21.14
CA ASN B 253 -30.97 -14.32 21.16
C ASN B 253 -29.82 -14.02 22.15
N LYS B 254 -30.01 -13.02 23.00
CA LYS B 254 -28.94 -12.51 23.89
C LYS B 254 -27.63 -12.26 23.14
N LYS B 255 -27.72 -11.45 22.11
CA LYS B 255 -26.54 -11.03 21.39
C LYS B 255 -26.41 -9.51 21.49
N ILE B 256 -26.82 -8.97 22.64
CA ILE B 256 -26.50 -7.61 23.00
C ILE B 256 -25.20 -7.74 23.81
N ILE B 257 -24.10 -7.32 23.19
CA ILE B 257 -22.77 -7.54 23.68
C ILE B 257 -22.27 -6.24 24.31
N TYR B 258 -21.96 -6.24 25.59
CA TYR B 258 -21.48 -5.06 26.28
C TYR B 258 -19.95 -5.12 26.23
N LEU B 259 -19.36 -4.36 25.31
CA LEU B 259 -17.94 -4.34 25.14
C LEU B 259 -17.29 -3.54 26.27
N ASP B 260 -16.13 -4.01 26.69
CA ASP B 260 -15.42 -3.38 27.80
C ASP B 260 -14.96 -2.00 27.35
N PRO B 261 -15.58 -0.96 27.88
CA PRO B 261 -15.22 0.39 27.42
C PRO B 261 -13.79 0.86 27.73
N GLU B 262 -13.13 0.19 28.67
CA GLU B 262 -11.74 0.51 28.99
C GLU B 262 -10.81 0.16 27.87
N TYR B 263 -11.30 -0.70 26.97
CA TYR B 263 -10.58 -1.03 25.73
C TYR B 263 -11.19 -0.21 24.58
N TRP B 264 -12.49 -0.27 24.40
CA TRP B 264 -13.11 0.22 23.20
C TRP B 264 -13.26 1.76 23.21
N TYR B 265 -13.70 2.34 24.31
CA TYR B 265 -13.87 3.78 24.37
C TYR B 265 -12.52 4.46 24.57
N LEU B 266 -11.77 4.04 25.59
CA LEU B 266 -10.44 4.61 25.81
C LEU B 266 -9.52 4.39 24.62
N ALA B 267 -9.84 3.35 23.83
CA ALA B 267 -9.28 3.15 22.50
C ALA B 267 -7.82 2.72 22.58
N SER B 268 -7.59 1.54 23.12
CA SER B 268 -6.26 1.01 23.26
C SER B 268 -5.83 0.08 22.10
N GLY B 269 -6.27 0.41 20.88
CA GLY B 269 -6.03 -0.41 19.71
C GLY B 269 -4.60 -0.46 19.27
N ASN B 270 -3.80 0.52 19.72
CA ASN B 270 -2.37 0.53 19.48
C ASN B 270 -1.57 -0.44 20.31
N GLY B 271 -2.22 -1.17 21.22
CA GLY B 271 -1.53 -2.07 22.11
C GLY B 271 -1.37 -3.47 21.56
N LEU B 272 -0.14 -3.97 21.50
CA LEU B 272 0.15 -5.29 20.98
C LEU B 272 -0.58 -6.38 21.76
N GLU B 273 -0.89 -6.11 23.02
CA GLU B 273 -1.64 -7.08 23.77
C GLU B 273 -3.12 -6.67 23.93
N SER B 274 -3.39 -5.42 24.19
CA SER B 274 -4.76 -4.98 24.33
C SER B 274 -5.59 -5.18 23.02
N LEU B 275 -5.00 -4.99 21.85
CA LEU B 275 -5.71 -5.24 20.59
C LEU B 275 -6.06 -6.71 20.46
N LYS B 276 -5.16 -7.59 20.88
CA LYS B 276 -5.45 -9.03 20.89
C LYS B 276 -6.65 -9.33 21.76
N THR B 277 -6.68 -8.75 22.96
CA THR B 277 -7.84 -8.91 23.85
C THR B 277 -9.16 -8.47 23.20
N MET B 278 -9.12 -7.35 22.48
CA MET B 278 -10.32 -6.83 21.80
C MET B 278 -10.80 -7.76 20.68
N ILE B 279 -9.87 -8.23 19.84
CA ILE B 279 -10.16 -9.17 18.77
C ILE B 279 -10.84 -10.42 19.38
N LEU B 280 -10.31 -10.96 20.48
CA LEU B 280 -10.89 -12.17 21.10
C LEU B 280 -12.26 -11.86 21.70
N GLU B 281 -12.45 -10.66 22.23
CA GLU B 281 -13.74 -10.24 22.78
C GLU B 281 -14.82 -10.27 21.67
N ILE B 282 -14.46 -9.85 20.47
CA ILE B 282 -15.44 -9.93 19.35
C ILE B 282 -15.65 -11.38 18.91
N LYS B 283 -14.55 -12.10 18.67
CA LYS B 283 -14.64 -13.51 18.28
C LYS B 283 -15.53 -14.28 19.25
N ASN B 284 -15.29 -14.17 20.53
CA ASN B 284 -16.05 -14.94 21.49
C ASN B 284 -17.53 -14.58 21.59
N ALA B 285 -17.88 -13.36 21.24
CA ALA B 285 -19.30 -12.96 21.24
C ALA B 285 -20.10 -13.45 20.03
N VAL B 286 -19.42 -13.75 18.95
CA VAL B 286 -20.14 -14.19 17.74
C VAL B 286 -19.93 -15.68 17.37
N LYS B 287 -19.03 -16.39 18.03
CA LYS B 287 -18.65 -17.73 17.53
C LYS B 287 -19.78 -18.74 17.70
N LEU C 1 24.87 14.54 -7.69
CA LEU C 1 23.46 15.06 -7.55
C LEU C 1 22.66 14.96 -8.86
N PRO C 2 23.25 15.21 -10.04
CA PRO C 2 22.45 14.88 -11.25
C PRO C 2 22.51 13.42 -11.65
N ILE C 3 21.50 12.97 -12.40
CA ILE C 3 21.43 11.59 -12.84
C ILE C 3 22.47 11.45 -13.93
N SER C 4 23.26 10.38 -13.89
CA SER C 4 24.14 9.99 -14.99
C SER C 4 23.89 8.51 -15.32
N MET C 5 24.15 8.14 -16.55
CA MET C 5 23.65 6.91 -17.13
C MET C 5 24.74 6.31 -18.05
N SER C 6 25.17 5.08 -17.85
CA SER C 6 25.95 4.38 -18.88
C SER C 6 25.16 3.20 -19.50
N ASP C 7 25.21 3.12 -20.81
CA ASP C 7 24.52 2.09 -21.56
C ASP C 7 25.28 0.80 -21.39
N GLU C 8 24.62 -0.21 -20.84
CA GLU C 8 25.21 -1.52 -20.60
C GLU C 8 24.46 -2.53 -21.45
N GLY C 9 23.88 -2.09 -22.57
CA GLY C 9 23.27 -3.00 -23.55
C GLY C 9 21.76 -3.08 -23.42
N ASP C 10 21.29 -4.00 -22.60
CA ASP C 10 19.86 -4.14 -22.38
C ASP C 10 19.41 -3.37 -21.13
N SER C 11 20.33 -2.64 -20.52
CA SER C 11 20.02 -1.93 -19.29
C SER C 11 20.93 -0.70 -19.23
N PHE C 12 20.66 0.20 -18.30
CA PHE C 12 21.55 1.33 -18.01
C PHE C 12 22.05 1.18 -16.57
N LEU C 13 23.30 1.52 -16.31
CA LEU C 13 23.79 1.68 -14.94
C LEU C 13 23.57 3.17 -14.64
N VAL C 14 22.68 3.47 -13.68
CA VAL C 14 22.20 4.81 -13.44
C VAL C 14 22.57 5.28 -12.04
N LYS C 15 23.27 6.41 -11.99
CA LYS C 15 23.74 7.01 -10.70
C LYS C 15 22.96 8.29 -10.48
N ASP C 16 22.46 8.49 -9.28
CA ASP C 16 21.70 9.71 -8.94
C ASP C 16 22.06 10.06 -7.52
N SER C 17 21.45 11.08 -6.95
CA SER C 17 21.86 11.52 -5.61
C SER C 17 21.61 10.52 -4.48
N LEU C 18 20.77 9.50 -4.69
CA LEU C 18 20.49 8.51 -3.62
C LEU C 18 21.26 7.22 -3.78
N GLY C 19 21.77 6.95 -4.96
CA GLY C 19 22.48 5.70 -5.17
C GLY C 19 22.59 5.31 -6.61
N GLU C 20 22.79 4.03 -6.80
CA GLU C 20 23.08 3.46 -8.08
C GLU C 20 22.16 2.26 -8.33
N ASN C 21 21.74 2.11 -9.58
CA ASN C 21 20.79 1.07 -10.00
C ASN C 21 21.09 0.60 -11.39
N LYS C 22 20.96 -0.71 -11.62
CA LYS C 22 20.78 -1.25 -12.96
C LYS C 22 19.29 -1.10 -13.31
N ILE C 23 18.98 -0.33 -14.34
CA ILE C 23 17.59 -0.17 -14.77
C ILE C 23 17.45 -0.75 -16.16
N PRO C 24 16.49 -1.68 -16.34
CA PRO C 24 16.37 -2.28 -17.69
C PRO C 24 15.85 -1.25 -18.65
N LYS C 25 16.24 -1.34 -19.90
CA LYS C 25 15.70 -0.44 -20.89
C LYS C 25 14.23 -0.74 -21.04
N ASN C 26 13.44 0.27 -21.35
CA ASN C 26 12.04 0.04 -21.64
C ASN C 26 11.22 -0.66 -20.53
N PRO C 27 11.44 -0.25 -19.27
CA PRO C 27 10.69 -1.01 -18.21
C PRO C 27 9.17 -0.94 -18.49
N SER C 28 8.50 -2.05 -18.23
CA SER C 28 7.09 -2.24 -18.58
C SER C 28 6.19 -2.23 -17.34
N LYS C 29 6.78 -2.18 -16.13
CA LYS C 29 5.97 -2.20 -14.87
C LYS C 29 6.45 -1.15 -13.86
N VAL C 30 6.15 0.12 -14.16
CA VAL C 30 6.76 1.23 -13.45
C VAL C 30 5.78 1.79 -12.42
N VAL C 31 6.23 1.85 -11.18
CA VAL C 31 5.50 2.48 -10.10
C VAL C 31 6.05 3.90 -10.01
N ILE C 32 5.18 4.89 -10.05
CA ILE C 32 5.61 6.29 -10.09
C ILE C 32 4.99 7.02 -8.93
N LEU C 33 5.84 7.59 -8.08
CA LEU C 33 5.40 8.32 -6.90
C LEU C 33 5.64 9.82 -7.00
N ASP C 34 6.35 10.26 -8.04
CA ASP C 34 6.45 11.66 -8.35
C ASP C 34 5.42 12.00 -9.38
N LEU C 35 4.49 12.89 -9.03
CA LEU C 35 3.41 13.23 -9.93
C LEU C 35 3.85 13.99 -11.18
N GLY C 36 4.92 14.76 -11.06
CA GLY C 36 5.43 15.46 -12.22
C GLY C 36 5.99 14.47 -13.24
N ILE C 37 6.77 13.52 -12.78
CA ILE C 37 7.29 12.53 -13.72
C ILE C 37 6.13 11.68 -14.28
N LEU C 38 5.07 11.47 -13.51
CA LEU C 38 3.87 10.81 -14.03
C LEU C 38 3.27 11.58 -15.20
N ASP C 39 3.20 12.89 -15.08
CA ASP C 39 2.75 13.72 -16.20
C ASP C 39 3.66 13.58 -17.39
N THR C 40 4.95 13.53 -17.15
CA THR C 40 5.93 13.35 -18.22
C THR C 40 5.79 12.00 -18.94
N PHE C 41 5.45 10.94 -18.23
CA PHE C 41 5.16 9.69 -18.90
C PHE C 41 3.98 9.88 -19.86
N ASP C 42 2.92 10.55 -19.42
CA ASP C 42 1.82 10.82 -20.32
C ASP C 42 2.26 11.61 -21.54
N ALA C 43 3.09 12.62 -21.36
CA ALA C 43 3.48 13.49 -22.49
C ALA C 43 4.35 12.69 -23.48
N LEU C 44 5.06 11.69 -22.97
CA LEU C 44 5.93 10.86 -23.84
C LEU C 44 5.20 9.67 -24.38
N LYS C 45 3.90 9.54 -24.05
CA LYS C 45 3.05 8.46 -24.55
C LYS C 45 3.40 7.10 -23.96
N LEU C 46 3.78 7.08 -22.68
CA LEU C 46 4.28 5.90 -21.97
C LEU C 46 3.28 5.44 -20.90
N ASN C 47 2.03 5.84 -21.01
CA ASN C 47 0.99 5.47 -20.05
C ASN C 47 0.85 3.98 -19.78
N ASP C 48 1.02 3.17 -20.84
CA ASP C 48 0.87 1.72 -20.71
C ASP C 48 2.04 1.09 -19.95
N LYS C 49 3.11 1.83 -19.66
CA LYS C 49 4.25 1.31 -18.84
C LYS C 49 3.99 1.44 -17.35
N VAL C 50 3.01 2.27 -16.98
CA VAL C 50 2.75 2.58 -15.61
C VAL C 50 1.84 1.53 -14.99
N VAL C 51 2.30 0.95 -13.89
CA VAL C 51 1.51 -0.04 -13.19
C VAL C 51 1.10 0.40 -11.78
N GLY C 52 1.64 1.52 -11.28
CA GLY C 52 1.24 1.97 -9.96
C GLY C 52 1.39 3.45 -9.79
N VAL C 53 0.37 4.07 -9.20
CA VAL C 53 0.37 5.51 -8.94
C VAL C 53 -0.22 5.81 -7.59
N PRO C 54 0.16 6.95 -6.99
CA PRO C 54 -0.44 7.30 -5.71
C PRO C 54 -1.80 7.89 -5.92
N ALA C 55 -2.82 7.03 -5.96
CA ALA C 55 -4.17 7.46 -6.26
C ALA C 55 -4.75 8.40 -5.16
N LYS C 56 -4.26 8.32 -3.93
CA LYS C 56 -4.85 9.16 -2.87
C LYS C 56 -4.48 10.62 -3.12
N ASN C 57 -3.42 10.88 -3.89
CA ASN C 57 -3.04 12.25 -4.22
C ASN C 57 -3.10 12.54 -5.71
N LEU C 58 -3.97 11.85 -6.44
CA LEU C 58 -3.99 11.96 -7.88
C LEU C 58 -4.77 13.20 -8.22
N PRO C 59 -4.07 14.21 -8.76
CA PRO C 59 -4.76 15.44 -9.06
C PRO C 59 -5.71 15.41 -10.29
N LYS C 60 -6.45 16.49 -10.45
CA LYS C 60 -7.49 16.59 -11.48
C LYS C 60 -6.92 16.48 -12.89
N TYR C 61 -5.66 16.89 -13.05
CA TYR C 61 -5.04 16.92 -14.35
C TYR C 61 -4.32 15.57 -14.70
N LEU C 62 -4.41 14.59 -13.85
CA LEU C 62 -3.82 13.28 -14.09
C LEU C 62 -4.87 12.15 -13.96
N GLN C 63 -6.13 12.47 -14.28
CA GLN C 63 -7.22 11.53 -14.08
C GLN C 63 -7.25 10.43 -15.13
N GLN C 64 -6.49 10.56 -16.20
CA GLN C 64 -6.28 9.44 -17.12
C GLN C 64 -5.57 8.25 -16.51
N PHE C 65 -5.04 8.41 -15.30
CA PHE C 65 -4.36 7.36 -14.52
C PHE C 65 -5.22 6.84 -13.38
N LYS C 66 -6.49 7.23 -13.39
CA LYS C 66 -7.43 6.88 -12.29
C LYS C 66 -7.72 5.38 -12.27
N ASN C 67 -7.52 4.72 -13.39
CA ASN C 67 -7.73 3.28 -13.47
C ASN C 67 -6.51 2.45 -13.07
N LYS C 68 -5.39 3.09 -12.74
CA LYS C 68 -4.17 2.34 -12.42
C LYS C 68 -4.25 1.84 -10.98
N PRO C 69 -3.53 0.77 -10.65
CA PRO C 69 -3.49 0.30 -9.27
C PRO C 69 -2.91 1.35 -8.36
N SER C 70 -3.44 1.48 -7.14
CA SER C 70 -2.92 2.48 -6.20
C SER C 70 -1.74 1.95 -5.40
N VAL C 71 -0.74 2.81 -5.21
CA VAL C 71 0.33 2.51 -4.29
C VAL C 71 0.30 3.52 -3.14
N GLY C 72 -0.87 4.09 -2.90
CA GLY C 72 -1.12 4.94 -1.74
C GLY C 72 -1.06 6.44 -2.04
N GLY C 73 -0.25 7.15 -1.27
CA GLY C 73 -0.17 8.60 -1.38
C GLY C 73 1.29 8.97 -1.43
N VAL C 74 1.55 10.22 -1.78
CA VAL C 74 2.90 10.72 -1.89
C VAL C 74 3.68 10.69 -0.56
N GLN C 75 2.94 10.80 0.55
CA GLN C 75 3.46 10.53 1.88
C GLN C 75 3.03 9.17 2.44
N GLN C 76 1.79 8.75 2.16
CA GLN C 76 1.27 7.43 2.58
C GLN C 76 1.63 6.34 1.59
N VAL C 77 2.88 5.92 1.55
CA VAL C 77 3.31 4.92 0.59
C VAL C 77 2.88 3.51 1.02
N ASP C 78 2.19 2.81 0.13
CA ASP C 78 1.69 1.46 0.42
C ASP C 78 2.68 0.41 -0.09
N PHE C 79 3.62 0.00 0.77
CA PHE C 79 4.66 -0.94 0.41
C PHE C 79 4.17 -2.31 -0.01
N GLU C 80 3.13 -2.80 0.64
CA GLU C 80 2.59 -4.13 0.31
C GLU C 80 2.02 -4.09 -1.11
N ALA C 81 1.37 -2.98 -1.46
CA ALA C 81 0.79 -2.84 -2.81
C ALA C 81 1.90 -2.79 -3.85
N ILE C 82 3.00 -2.11 -3.54
CA ILE C 82 4.10 -1.97 -4.49
C ILE C 82 4.70 -3.33 -4.74
N ASN C 83 4.97 -4.04 -3.66
CA ASN C 83 5.52 -5.37 -3.70
C ASN C 83 4.61 -6.33 -4.47
N ALA C 84 3.31 -6.25 -4.24
CA ALA C 84 2.35 -7.10 -4.94
C ALA C 84 2.38 -6.90 -6.47
N LEU C 85 2.67 -5.69 -6.90
CA LEU C 85 2.70 -5.37 -8.33
C LEU C 85 3.94 -5.90 -9.04
N LYS C 86 4.99 -6.21 -8.27
CA LYS C 86 6.27 -6.68 -8.82
C LYS C 86 6.73 -5.78 -9.95
N PRO C 87 6.95 -4.50 -9.65
CA PRO C 87 7.41 -3.56 -10.67
C PRO C 87 8.86 -3.81 -11.06
N ASP C 88 9.27 -3.30 -12.21
CA ASP C 88 10.64 -3.37 -12.62
C ASP C 88 11.34 -2.04 -12.42
N LEU C 89 10.58 -1.00 -12.07
CA LEU C 89 11.14 0.29 -11.74
C LEU C 89 10.19 1.05 -10.83
N ILE C 90 10.77 1.72 -9.83
CA ILE C 90 9.99 2.64 -8.98
C ILE C 90 10.63 4.00 -9.12
N ILE C 91 9.84 5.03 -9.35
CA ILE C 91 10.38 6.38 -9.49
C ILE C 91 9.85 7.28 -8.35
N ILE C 92 10.77 7.93 -7.64
CA ILE C 92 10.44 8.73 -6.50
C ILE C 92 11.05 10.13 -6.56
N SER C 93 10.52 11.01 -5.73
CA SER C 93 11.12 12.31 -5.54
C SER C 93 11.53 12.48 -4.08
N GLY C 94 11.80 13.71 -3.66
CA GLY C 94 12.31 13.96 -2.30
C GLY C 94 11.45 13.42 -1.18
N ARG C 95 10.13 13.44 -1.36
CA ARG C 95 9.19 12.96 -0.33
C ARG C 95 9.31 11.47 0.05
N GLN C 96 9.93 10.67 -0.80
CA GLN C 96 10.05 9.25 -0.55
C GLN C 96 11.48 8.84 -0.32
N SER C 97 12.37 9.82 -0.27
CA SER C 97 13.78 9.61 -0.09
C SER C 97 14.01 8.82 1.21
N LYS C 98 13.20 9.08 2.22
CA LYS C 98 13.27 8.37 3.47
C LYS C 98 12.91 6.88 3.36
N PHE C 99 12.27 6.48 2.25
CA PHE C 99 11.88 5.10 2.04
C PHE C 99 12.79 4.39 1.01
N TYR C 100 13.88 5.02 0.65
CA TYR C 100 14.69 4.53 -0.46
C TYR C 100 15.13 3.09 -0.33
N ASP C 101 15.73 2.75 0.82
CA ASP C 101 16.32 1.42 1.02
C ASP C 101 15.25 0.33 0.95
N LYS C 102 14.12 0.55 1.60
CA LYS C 102 13.01 -0.38 1.49
C LYS C 102 12.53 -0.54 0.04
N LEU C 103 12.41 0.57 -0.69
CA LEU C 103 11.90 0.53 -2.06
C LEU C 103 12.87 -0.19 -2.96
N LYS C 104 14.16 0.06 -2.73
CA LYS C 104 15.19 -0.50 -3.56
C LYS C 104 15.26 -2.01 -3.42
N GLU C 105 14.74 -2.50 -2.30
CA GLU C 105 14.61 -3.95 -1.99
C GLU C 105 13.61 -4.58 -2.96
N ILE C 106 12.55 -3.84 -3.25
CA ILE C 106 11.52 -4.31 -4.17
C ILE C 106 12.03 -4.28 -5.61
N ALA C 107 12.67 -3.17 -6.02
CA ALA C 107 13.05 -2.99 -7.41
C ALA C 107 13.94 -1.79 -7.54
N PRO C 108 14.68 -1.69 -8.65
CA PRO C 108 15.45 -0.48 -8.92
C PRO C 108 14.61 0.80 -8.72
N THR C 109 15.20 1.78 -8.06
CA THR C 109 14.50 2.94 -7.57
C THR C 109 15.28 4.17 -7.99
N LEU C 110 14.66 4.95 -8.90
CA LEU C 110 15.27 6.10 -9.50
C LEU C 110 14.79 7.34 -8.77
N PHE C 111 15.71 8.23 -8.42
CA PHE C 111 15.42 9.50 -7.77
C PHE C 111 15.36 10.63 -8.80
N VAL C 112 14.24 11.33 -8.85
CA VAL C 112 14.06 12.43 -9.78
C VAL C 112 13.71 13.71 -9.01
N GLY C 113 14.45 13.93 -7.92
CA GLY C 113 14.29 15.15 -7.14
C GLY C 113 14.55 16.42 -7.93
N LEU C 114 13.82 17.47 -7.61
CA LEU C 114 14.07 18.77 -8.20
C LEU C 114 15.01 19.56 -7.31
N ASP C 115 16.09 20.09 -7.88
CA ASP C 115 17.06 20.87 -7.14
C ASP C 115 16.59 22.34 -7.15
N ASN C 116 16.17 22.80 -5.99
CA ASN C 116 15.71 24.19 -5.81
C ASN C 116 16.70 25.25 -6.19
N ALA C 117 17.99 24.93 -6.13
CA ALA C 117 19.03 25.89 -6.52
C ALA C 117 19.30 25.85 -8.00
N ASN C 118 18.82 24.82 -8.66
CA ASN C 118 19.04 24.66 -10.08
C ASN C 118 17.81 24.04 -10.72
N PHE C 119 16.70 24.74 -10.69
CA PHE C 119 15.44 24.13 -11.11
C PHE C 119 15.48 23.62 -12.55
N LEU C 120 15.80 24.48 -13.48
CA LEU C 120 15.73 24.08 -14.87
C LEU C 120 16.65 22.93 -15.24
N SER C 121 17.88 22.99 -14.78
CA SER C 121 18.82 21.99 -15.21
C SER C 121 18.45 20.64 -14.58
N SER C 122 17.94 20.64 -13.35
CA SER C 122 17.49 19.35 -12.73
C SER C 122 16.23 18.84 -13.42
N PHE C 123 15.32 19.74 -13.75
CA PHE C 123 14.13 19.38 -14.54
C PHE C 123 14.54 18.66 -15.82
N GLU C 124 15.44 19.28 -16.56
CA GLU C 124 15.87 18.74 -17.84
C GLU C 124 16.54 17.39 -17.69
N ASN C 125 17.41 17.29 -16.70
CA ASN C 125 18.11 16.08 -16.37
C ASN C 125 17.18 14.93 -15.93
N ASN C 126 16.18 15.23 -15.10
CA ASN C 126 15.13 14.28 -14.78
C ASN C 126 14.31 13.77 -15.98
N VAL C 127 13.84 14.70 -16.83
CA VAL C 127 13.02 14.33 -17.95
C VAL C 127 13.85 13.55 -18.96
N LEU C 128 15.08 13.99 -19.20
CA LEU C 128 15.88 13.34 -20.22
C LEU C 128 16.30 11.96 -19.79
N SER C 129 16.60 11.78 -18.51
CA SER C 129 17.03 10.50 -18.05
C SER C 129 15.92 9.43 -18.18
N VAL C 130 14.70 9.83 -17.83
CA VAL C 130 13.57 9.01 -18.03
C VAL C 130 13.34 8.71 -19.49
N ALA C 131 13.35 9.73 -20.35
CA ALA C 131 13.23 9.53 -21.76
C ALA C 131 14.29 8.55 -22.31
N LYS C 132 15.52 8.61 -21.82
CA LYS C 132 16.58 7.78 -22.32
C LYS C 132 16.27 6.33 -22.08
N LEU C 133 15.55 6.01 -21.02
CA LEU C 133 15.24 4.64 -20.67
C LEU C 133 14.42 4.02 -21.80
N TYR C 134 13.68 4.84 -22.52
CA TYR C 134 12.80 4.40 -23.61
C TYR C 134 13.31 4.79 -25.01
N GLY C 135 14.53 5.36 -25.12
CA GLY C 135 15.01 5.86 -26.42
C GLY C 135 14.29 7.09 -26.95
N LEU C 136 13.76 7.93 -26.05
CA LEU C 136 12.89 9.04 -26.43
C LEU C 136 13.52 10.41 -26.20
N GLU C 137 14.85 10.50 -26.19
CA GLU C 137 15.50 11.80 -25.93
C GLU C 137 15.14 12.85 -26.93
N LYS C 138 15.11 12.50 -28.21
CA LYS C 138 14.74 13.44 -29.24
C LYS C 138 13.40 14.13 -28.90
N GLU C 139 12.40 13.32 -28.55
CA GLU C 139 11.05 13.80 -28.33
C GLU C 139 11.06 14.70 -27.11
N ALA C 140 11.69 14.23 -26.06
CA ALA C 140 11.79 14.97 -24.82
C ALA C 140 12.49 16.32 -25.01
N LEU C 141 13.62 16.33 -25.73
CA LEU C 141 14.33 17.60 -26.05
C LEU C 141 13.45 18.63 -26.73
N GLU C 142 12.61 18.17 -27.67
CA GLU C 142 11.67 19.06 -28.36
C GLU C 142 10.67 19.64 -27.40
N LYS C 143 10.17 18.82 -26.46
CA LYS C 143 9.18 19.31 -25.50
C LYS C 143 9.81 20.26 -24.48
N ILE C 144 11.04 19.99 -24.10
CA ILE C 144 11.77 20.87 -23.21
C ILE C 144 11.92 22.23 -23.91
N SER C 145 12.25 22.17 -25.17
CA SER C 145 12.40 23.36 -25.97
C SER C 145 11.15 24.27 -25.94
N ASP C 146 9.96 23.67 -26.03
CA ASP C 146 8.68 24.41 -25.88
C ASP C 146 8.56 25.08 -24.53
N ILE C 147 8.96 24.37 -23.50
CA ILE C 147 8.93 24.91 -22.16
C ILE C 147 9.80 26.12 -22.03
N LYS C 148 10.99 26.06 -22.60
CA LYS C 148 11.88 27.20 -22.62
C LYS C 148 11.25 28.42 -23.37
N ASN C 149 10.50 28.17 -24.44
CA ASN C 149 9.78 29.26 -25.14
C ASN C 149 8.62 29.81 -24.28
N GLU C 150 7.96 28.93 -23.54
CA GLU C 150 6.88 29.41 -22.63
C GLU C 150 7.49 30.25 -21.54
N ILE C 151 8.67 29.88 -21.09
CA ILE C 151 9.35 30.62 -20.06
C ILE C 151 9.67 32.00 -20.56
N GLU C 152 10.14 32.09 -21.80
CA GLU C 152 10.43 33.41 -22.36
C GLU C 152 9.17 34.25 -22.52
N LYS C 153 8.08 33.66 -22.95
CA LYS C 153 6.82 34.43 -23.08
C LYS C 153 6.43 34.98 -21.76
N ALA C 154 6.51 34.16 -20.71
CA ALA C 154 6.17 34.61 -19.38
C ALA C 154 7.06 35.75 -18.88
N LYS C 155 8.37 35.61 -19.04
CA LYS C 155 9.33 36.60 -18.55
C LYS C 155 9.13 37.99 -19.17
N SER C 156 8.76 37.97 -20.44
CA SER C 156 8.67 39.16 -21.23
C SER C 156 7.57 40.12 -20.78
N ILE C 157 6.56 39.63 -20.05
CA ILE C 157 5.47 40.49 -19.54
C ILE C 157 5.61 40.79 -18.06
N VAL C 158 6.73 40.43 -17.44
CA VAL C 158 6.94 40.70 -16.00
C VAL C 158 7.21 42.17 -15.78
N ASP C 159 6.55 42.77 -14.79
CA ASP C 159 6.81 44.17 -14.46
C ASP C 159 8.00 44.27 -13.55
N GLU C 160 9.12 44.74 -14.09
CA GLU C 160 10.42 44.80 -13.40
C GLU C 160 10.43 45.59 -12.08
N ASP C 161 9.53 46.53 -11.87
CA ASP C 161 9.48 47.24 -10.60
C ASP C 161 8.80 46.43 -9.47
N LYS C 162 7.76 45.67 -9.79
CA LYS C 162 6.92 45.03 -8.77
C LYS C 162 7.56 43.83 -8.12
N LYS C 163 7.14 43.54 -6.90
CA LYS C 163 7.77 42.50 -6.08
C LYS C 163 6.75 41.56 -5.48
N ALA C 164 7.14 40.30 -5.32
CA ALA C 164 6.23 39.29 -4.82
C ALA C 164 6.76 38.63 -3.57
N LEU C 165 5.83 38.14 -2.76
CA LEU C 165 6.10 37.29 -1.61
C LEU C 165 5.42 35.96 -1.87
N ILE C 166 6.09 34.85 -1.60
CA ILE C 166 5.45 33.53 -1.71
C ILE C 166 5.19 32.99 -0.34
N ILE C 167 3.95 32.55 -0.10
CA ILE C 167 3.61 31.94 1.18
C ILE C 167 2.94 30.60 1.05
N LEU C 168 3.14 29.80 2.10
CA LEU C 168 2.44 28.57 2.33
C LEU C 168 1.56 28.71 3.57
N THR C 169 0.35 28.15 3.54
CA THR C 169 -0.51 28.16 4.71
C THR C 169 -0.85 26.75 5.07
N ASN C 170 -0.79 26.50 6.38
CA ASN C 170 -1.06 25.23 6.96
C ASN C 170 -1.72 25.42 8.35
N SER C 171 -2.90 24.84 8.56
CA SER C 171 -3.75 25.14 9.73
C SER C 171 -3.90 26.65 9.73
N ASN C 172 -3.52 27.33 10.82
CA ASN C 172 -3.50 28.77 10.82
C ASN C 172 -2.09 29.35 10.75
N LYS C 173 -1.10 28.55 10.36
CA LYS C 173 0.28 29.08 10.26
C LYS C 173 0.61 29.51 8.82
N ILE C 174 1.30 30.63 8.70
CA ILE C 174 1.79 31.14 7.45
C ILE C 174 3.31 30.94 7.46
N SER C 175 3.89 30.43 6.36
CA SER C 175 5.33 30.46 6.22
C SER C 175 5.77 31.00 4.87
N ALA C 176 6.97 31.55 4.79
CA ALA C 176 7.40 32.31 3.64
C ALA C 176 8.54 31.64 2.90
N PHE C 177 8.64 31.96 1.62
CA PHE C 177 9.59 31.31 0.73
C PHE C 177 10.11 32.35 -0.21
N GLY C 178 11.38 32.25 -0.56
CA GLY C 178 12.00 33.18 -1.48
C GLY C 178 12.77 32.44 -2.57
N PRO C 179 13.75 33.10 -3.18
CA PRO C 179 14.59 32.47 -4.20
C PRO C 179 15.28 31.20 -3.73
N GLN C 180 15.48 30.25 -4.65
CA GLN C 180 16.15 28.99 -4.34
C GLN C 180 15.39 28.15 -3.32
N SER C 181 14.10 28.43 -3.11
CA SER C 181 13.27 27.58 -2.26
C SER C 181 12.50 26.59 -3.15
N ARG C 182 11.60 25.81 -2.56
CA ARG C 182 10.76 24.88 -3.35
C ARG C 182 9.80 25.58 -4.35
N PHE C 183 9.52 26.86 -4.14
CA PHE C 183 8.65 27.59 -5.02
C PHE C 183 9.45 28.64 -5.77
N GLY C 184 10.77 28.49 -5.75
CA GLY C 184 11.70 29.50 -6.19
C GLY C 184 11.62 29.85 -7.63
N ILE C 185 11.02 28.98 -8.41
CA ILE C 185 10.84 29.16 -9.85
C ILE C 185 10.14 30.49 -10.21
N ILE C 186 9.21 30.93 -9.39
CA ILE C 186 8.56 32.22 -9.56
C ILE C 186 9.63 33.34 -9.69
N HIS C 187 10.67 33.30 -8.85
CA HIS C 187 11.69 34.30 -8.86
C HIS C 187 12.88 33.90 -9.74
N ASP C 188 13.29 32.64 -9.68
CA ASP C 188 14.57 32.21 -10.26
C ASP C 188 14.48 31.96 -11.73
N VAL C 189 13.31 31.57 -12.18
CA VAL C 189 13.12 31.26 -13.57
C VAL C 189 12.17 32.21 -14.28
N LEU C 190 11.08 32.64 -13.64
CA LEU C 190 10.15 33.51 -14.32
C LEU C 190 10.45 34.98 -14.09
N GLY C 191 11.49 35.25 -13.32
CA GLY C 191 12.01 36.60 -13.19
C GLY C 191 11.20 37.59 -12.37
N ILE C 192 10.23 37.11 -11.61
CA ILE C 192 9.50 38.01 -10.75
C ILE C 192 10.37 38.35 -9.56
N ASN C 193 10.56 39.65 -9.30
CA ASN C 193 11.38 40.10 -8.14
C ASN C 193 10.77 39.69 -6.80
N ALA C 194 11.63 39.37 -5.83
CA ALA C 194 11.21 39.06 -4.47
C ALA C 194 11.17 40.31 -3.61
N VAL C 195 10.20 40.39 -2.68
CA VAL C 195 10.22 41.46 -1.68
C VAL C 195 11.39 41.29 -0.73
N ASP C 196 11.82 40.05 -0.50
CA ASP C 196 12.89 39.78 0.44
C ASP C 196 13.78 38.69 -0.12
N GLU C 197 14.96 39.10 -0.56
CA GLU C 197 15.95 38.18 -1.09
C GLU C 197 16.55 37.26 0.00
N ASN C 198 16.36 37.57 1.28
CA ASN C 198 17.12 36.90 2.35
C ASN C 198 16.33 35.95 3.24
N ILE C 199 15.31 35.32 2.67
CA ILE C 199 14.46 34.35 3.37
C ILE C 199 15.15 33.00 3.43
N LYS C 200 15.39 32.49 4.63
CA LYS C 200 16.06 31.20 4.83
C LYS C 200 15.24 30.07 4.25
N VAL C 201 15.87 29.27 3.39
CA VAL C 201 15.23 28.11 2.79
C VAL C 201 15.07 26.94 3.79
N GLY C 202 13.90 26.32 3.69
CA GLY C 202 13.51 25.17 4.48
C GLY C 202 12.30 24.55 3.76
N THR C 203 12.20 23.23 3.84
CA THR C 203 11.17 22.47 3.11
C THR C 203 9.74 23.03 3.36
N HIS C 204 9.45 23.49 4.58
CA HIS C 204 8.12 24.10 4.87
C HIS C 204 8.15 25.60 5.20
N GLY C 205 9.30 26.24 4.97
CA GLY C 205 9.42 27.70 4.93
C GLY C 205 9.78 28.34 6.25
N LYS C 206 9.91 29.67 6.22
CA LYS C 206 10.15 30.52 7.39
C LYS C 206 8.82 30.91 8.04
N SER C 207 8.67 30.66 9.35
CA SER C 207 7.55 31.23 10.15
C SER C 207 7.39 32.76 10.06
N ILE C 208 6.22 33.20 9.60
CA ILE C 208 5.89 34.60 9.57
C ILE C 208 4.47 34.81 10.03
N ASN C 209 4.09 36.07 10.25
CA ASN C 209 2.71 36.44 10.53
C ASN C 209 2.24 37.53 9.53
N SER C 210 1.03 38.02 9.73
CA SER C 210 0.49 39.08 8.87
C SER C 210 1.24 40.40 9.01
N GLU C 211 1.76 40.67 10.19
CA GLU C 211 2.55 41.89 10.42
C GLU C 211 3.73 41.90 9.45
N PHE C 212 4.37 40.75 9.32
CA PHE C 212 5.53 40.62 8.42
C PHE C 212 5.14 40.85 6.96
N ILE C 213 3.96 40.37 6.57
CA ILE C 213 3.45 40.58 5.22
C ILE C 213 3.23 42.05 4.92
N LEU C 214 2.52 42.73 5.82
CA LEU C 214 2.32 44.19 5.68
C LEU C 214 3.67 44.92 5.62
N GLU C 215 4.58 44.57 6.51
CA GLU C 215 5.88 45.23 6.54
C GLU C 215 6.56 45.16 5.17
N LYS C 216 6.57 43.98 4.54
CA LYS C 216 7.12 43.85 3.17
C LYS C 216 6.27 44.48 2.09
N ASN C 217 4.97 44.52 2.30
CA ASN C 217 4.05 45.19 1.38
C ASN C 217 4.27 44.80 -0.09
N PRO C 218 4.13 43.50 -0.37
CA PRO C 218 4.26 43.01 -1.71
C PRO C 218 3.25 43.56 -2.67
N ASP C 219 3.65 43.74 -3.92
CA ASP C 219 2.67 43.95 -4.98
C ASP C 219 1.92 42.65 -5.35
N TYR C 220 2.57 41.50 -5.17
CA TYR C 220 1.90 40.20 -5.40
C TYR C 220 2.16 39.27 -4.23
N ILE C 221 1.14 38.54 -3.82
CA ILE C 221 1.28 37.47 -2.82
C ILE C 221 0.84 36.18 -3.51
N PHE C 222 1.78 35.26 -3.68
CA PHE C 222 1.48 33.94 -4.25
C PHE C 222 1.31 33.00 -3.08
N VAL C 223 0.11 32.42 -2.98
CA VAL C 223 -0.27 31.58 -1.84
C VAL C 223 -0.39 30.14 -2.27
N VAL C 224 0.27 29.27 -1.52
CA VAL C 224 0.09 27.85 -1.70
C VAL C 224 -0.60 27.32 -0.46
N ASP C 225 -1.88 26.95 -0.61
CA ASP C 225 -2.63 26.47 0.54
C ASP C 225 -2.54 24.95 0.70
N ARG C 226 -1.72 24.56 1.63
CA ARG C 226 -1.53 23.17 1.98
C ARG C 226 -2.77 22.50 2.62
N ASN C 227 -3.60 23.25 3.33
CA ASN C 227 -4.76 22.66 4.04
C ASN C 227 -5.64 21.93 3.07
N VAL C 228 -5.74 22.48 1.88
CA VAL C 228 -6.58 21.89 0.87
C VAL C 228 -6.14 20.45 0.66
N ILE C 229 -4.82 20.22 0.63
CA ILE C 229 -4.26 18.89 0.39
C ILE C 229 -4.33 17.96 1.61
N LEU C 230 -3.96 18.46 2.79
CA LEU C 230 -3.97 17.65 4.01
C LEU C 230 -5.37 17.53 4.57
N GLY C 231 -6.37 18.10 3.89
CA GLY C 231 -7.77 18.00 4.32
C GLY C 231 -8.06 18.53 5.74
N ASN C 232 -7.43 19.65 6.07
CA ASN C 232 -7.76 20.42 7.24
C ASN C 232 -8.93 21.26 6.92
N LYS C 233 -9.62 21.80 7.92
CA LYS C 233 -10.71 22.70 7.63
C LYS C 233 -10.27 24.11 7.24
N GLU C 234 -9.13 24.56 7.77
CA GLU C 234 -8.66 25.94 7.61
C GLU C 234 -8.31 26.28 6.16
N ARG C 235 -8.35 27.56 5.81
CA ARG C 235 -8.14 27.95 4.46
C ARG C 235 -7.44 29.28 4.39
N ALA C 236 -6.53 29.40 3.45
CA ALA C 236 -5.74 30.65 3.28
C ALA C 236 -6.59 31.89 3.25
N GLN C 237 -7.72 31.79 2.55
CA GLN C 237 -8.61 32.92 2.39
C GLN C 237 -9.04 33.43 3.75
N GLY C 238 -9.28 32.50 4.67
CA GLY C 238 -9.69 32.86 6.03
C GLY C 238 -8.56 33.54 6.77
N ILE C 239 -7.40 32.90 6.76
CA ILE C 239 -6.21 33.39 7.45
C ILE C 239 -5.81 34.76 6.97
N LEU C 240 -5.91 34.97 5.67
CA LEU C 240 -5.49 36.22 5.05
C LEU C 240 -6.57 37.32 5.08
N ASP C 241 -7.75 37.03 5.59
CA ASP C 241 -8.81 38.05 5.71
C ASP C 241 -8.62 38.82 7.03
N ASN C 242 -7.68 39.74 7.05
CA ASN C 242 -7.42 40.54 8.26
C ASN C 242 -6.94 41.89 7.82
N ALA C 243 -6.96 42.86 8.73
CA ALA C 243 -6.78 44.28 8.38
C ALA C 243 -5.34 44.63 7.97
N LEU C 244 -4.39 43.83 8.43
CA LEU C 244 -2.99 44.03 8.09
C LEU C 244 -2.74 43.64 6.63
N VAL C 245 -3.11 42.41 6.26
CA VAL C 245 -2.98 41.96 4.88
C VAL C 245 -3.83 42.84 3.97
N ALA C 246 -5.01 43.23 4.44
CA ALA C 246 -5.93 44.07 3.66
C ALA C 246 -5.29 45.39 3.22
N LYS C 247 -4.35 45.94 4.00
CA LYS C 247 -3.78 47.27 3.70
C LYS C 247 -2.72 47.17 2.61
N THR C 248 -2.30 45.94 2.33
CA THR C 248 -1.19 45.66 1.43
C THR C 248 -1.56 45.99 -0.04
N LYS C 249 -0.59 46.37 -0.85
CA LYS C 249 -0.80 46.59 -2.27
C LYS C 249 -1.39 45.38 -3.02
N ALA C 250 -0.91 44.19 -2.68
CA ALA C 250 -1.46 42.95 -3.25
C ALA C 250 -2.96 42.81 -2.99
N ALA C 251 -3.37 43.01 -1.75
CA ALA C 251 -4.77 42.87 -1.40
C ALA C 251 -5.58 43.94 -2.12
N GLN C 252 -5.04 45.14 -2.17
CA GLN C 252 -5.76 46.26 -2.76
C GLN C 252 -5.91 46.14 -4.25
N ASN C 253 -4.88 45.64 -4.92
CA ASN C 253 -4.97 45.42 -6.36
C ASN C 253 -5.53 44.01 -6.74
N LYS C 254 -6.07 43.27 -5.77
CA LYS C 254 -6.49 41.87 -5.96
C LYS C 254 -5.38 41.01 -6.64
N LYS C 255 -4.18 41.05 -6.07
CA LYS C 255 -3.08 40.26 -6.54
C LYS C 255 -2.66 39.30 -5.47
N ILE C 256 -3.64 38.83 -4.70
CA ILE C 256 -3.42 37.70 -3.84
C ILE C 256 -3.82 36.50 -4.65
N ILE C 257 -2.82 35.75 -5.11
CA ILE C 257 -2.98 34.72 -6.11
C ILE C 257 -2.96 33.35 -5.42
N TYR C 258 -4.07 32.61 -5.47
CA TYR C 258 -4.18 31.30 -4.80
C TYR C 258 -3.73 30.26 -5.81
N LEU C 259 -2.50 29.83 -5.71
CA LEU C 259 -1.95 28.88 -6.70
C LEU C 259 -2.56 27.53 -6.44
N ASP C 260 -2.80 26.79 -7.52
CA ASP C 260 -3.45 25.50 -7.39
C ASP C 260 -2.48 24.57 -6.68
N PRO C 261 -2.76 24.20 -5.43
CA PRO C 261 -1.79 23.39 -4.69
C PRO C 261 -1.55 21.98 -5.26
N GLU C 262 -2.46 21.51 -6.12
CA GLU C 262 -2.30 20.21 -6.73
C GLU C 262 -1.15 20.20 -7.72
N TYR C 263 -0.72 21.39 -8.14
CA TYR C 263 0.48 21.56 -8.93
C TYR C 263 1.65 21.99 -8.02
N TRP C 264 1.44 23.03 -7.22
CA TRP C 264 2.58 23.67 -6.54
C TRP C 264 3.02 22.91 -5.31
N TYR C 265 2.09 22.38 -4.54
CA TYR C 265 2.48 21.68 -3.30
C TYR C 265 2.87 20.28 -3.62
N LEU C 266 2.04 19.58 -4.39
CA LEU C 266 2.35 18.19 -4.80
C LEU C 266 3.59 18.15 -5.68
N ALA C 267 3.91 19.29 -6.28
CA ALA C 267 5.20 19.57 -6.89
C ALA C 267 5.35 18.76 -8.17
N SER C 268 4.51 19.07 -9.16
CA SER C 268 4.57 18.36 -10.39
C SER C 268 5.47 19.03 -11.46
N GLY C 269 6.57 19.64 -11.00
CA GLY C 269 7.43 20.43 -11.84
C GLY C 269 8.21 19.63 -12.83
N ASN C 270 8.35 18.33 -12.58
CA ASN C 270 8.95 17.37 -13.51
C ASN C 270 8.07 17.05 -14.72
N GLY C 271 6.85 17.57 -14.76
CA GLY C 271 5.95 17.23 -15.85
C GLY C 271 6.11 18.15 -17.04
N LEU C 272 6.35 17.58 -18.20
CA LEU C 272 6.42 18.34 -19.44
C LEU C 272 5.17 19.18 -19.73
N GLU C 273 4.03 18.76 -19.23
CA GLU C 273 2.78 19.52 -19.45
C GLU C 273 2.37 20.26 -18.18
N SER C 274 2.52 19.64 -17.02
CA SER C 274 2.13 20.29 -15.81
C SER C 274 3.03 21.50 -15.53
N LEU C 275 4.31 21.44 -15.86
CA LEU C 275 5.17 22.61 -15.69
C LEU C 275 4.73 23.77 -16.59
N LYS C 276 4.28 23.47 -17.81
CA LYS C 276 3.79 24.54 -18.70
C LYS C 276 2.55 25.17 -18.06
N THR C 277 1.67 24.36 -17.50
CA THR C 277 0.51 24.85 -16.81
C THR C 277 0.87 25.82 -15.67
N MET C 278 1.89 25.45 -14.90
CA MET C 278 2.31 26.27 -13.77
C MET C 278 2.88 27.60 -14.24
N ILE C 279 3.70 27.56 -15.27
CA ILE C 279 4.21 28.76 -15.91
C ILE C 279 3.11 29.67 -16.39
N LEU C 280 2.10 29.13 -17.07
CA LEU C 280 0.97 29.96 -17.53
C LEU C 280 0.18 30.53 -16.37
N GLU C 281 0.09 29.80 -15.28
CA GLU C 281 -0.62 30.26 -14.10
C GLU C 281 0.07 31.49 -13.55
N ILE C 282 1.41 31.50 -13.54
CA ILE C 282 2.13 32.66 -13.03
C ILE C 282 2.04 33.83 -14.02
N LYS C 283 2.26 33.55 -15.31
CA LYS C 283 2.06 34.54 -16.36
C LYS C 283 0.71 35.21 -16.27
N ASN C 284 -0.36 34.41 -16.19
CA ASN C 284 -1.69 34.99 -16.21
C ASN C 284 -2.03 35.83 -15.01
N ALA C 285 -1.44 35.54 -13.87
CA ALA C 285 -1.68 36.31 -12.66
C ALA C 285 -0.95 37.65 -12.63
N VAL C 286 0.11 37.81 -13.41
CA VAL C 286 0.87 39.07 -13.39
C VAL C 286 0.77 39.89 -14.65
N LYS C 287 0.16 39.38 -15.70
CA LYS C 287 0.25 40.07 -17.01
C LYS C 287 -0.59 41.35 -17.03
#